data_2VE7
#
_entry.id   2VE7
#
_cell.length_a   157.653
_cell.length_b   248.965
_cell.length_c   58.250
_cell.angle_alpha   90.00
_cell.angle_beta   90.00
_cell.angle_gamma   90.00
#
_symmetry.space_group_name_H-M   'P 21 21 2'
#
loop_
_entity.id
_entity.type
_entity.pdbx_description
1 polymer 'KINETOCHORE PROTEIN HEC1, KINETOCHORE PROTEIN SPC25'
2 polymer 'KINETOCHORE PROTEIN NUF2, KINETOCHORE PROTEIN SPC24'
3 non-polymer GLYCEROL
4 non-polymer PHENOL
5 water water
#
loop_
_entity_poly.entity_id
_entity_poly.type
_entity_poly.pdbx_seq_one_letter_code
_entity_poly.pdbx_strand_id
1 'polypeptide(L)'
;MIKDPRPLNDKAFIQQCIRQLCEFLTENGYAHNVSMKSLQAPSVKDFLKIFTFLYGFLCPSYELPDTKFEEEVPRIFKDL
GYPFALSKSSMYTVGAPHTWPHIVAALVWLIDCIKIHTAMKESSPLFDDGQPWGEETEDGIMHNKLFLDYTIKCYESFMS
GADSFDEMNAELQSKLKDLFNVDAFKLESLEAKNRALNEQIARLEQERSTANKANAERLKRLQKSADLYKDRLGLEIRKI
YGEKLQFIFTNIDPKNPESPFMFSLHLNEARDYEVSDSAPHLEGLAEFQENVRKTNNFSAFLANVRKAFTATVYQ
;
A,B
2 'polypeptide(L)'
;GPLGSMETLSFPRYNVAEIVIHIRNKILTGADGKNLTKNDLYPNPKPEVLHMIYMRALQIVYGIRLEHFYMMPVNSGVMY
PHLMEGFLPFSNLVTHLDSFLPICRVNDFETADILCPKAKRTSRFLSGIINFIHFREACRETYMEFLWQYKSSADKMQQL
NAAHQEALMKLERLEKEVDEDTTVTIPSAVYVAQLYHQVSKIEWEYECEPGMVKGIHHGPSVAQPIHLDSTQLSRKFISD
YLWSLVDTEW
;
C,D
#
# COMPACT_ATOMS: atom_id res chain seq x y z
N MET A 1 36.20 -11.01 -49.77
CA MET A 1 37.45 -10.58 -50.31
C MET A 1 37.98 -11.78 -50.96
N ILE A 2 37.33 -12.29 -51.98
CA ILE A 2 37.85 -13.52 -52.52
C ILE A 2 39.23 -13.07 -52.51
N LYS A 3 40.18 -13.87 -52.10
CA LYS A 3 40.04 -15.28 -51.92
C LYS A 3 39.80 -15.86 -50.56
N ASP A 4 39.47 -17.14 -50.56
CA ASP A 4 39.44 -17.99 -49.41
C ASP A 4 40.73 -17.93 -48.72
N PRO A 5 40.78 -17.15 -47.69
CA PRO A 5 41.95 -17.10 -46.84
C PRO A 5 41.82 -18.18 -45.81
N ARG A 6 40.75 -18.97 -45.88
CA ARG A 6 40.48 -19.98 -44.91
C ARG A 6 40.82 -21.36 -45.36
N PRO A 7 41.55 -22.06 -44.51
CA PRO A 7 42.02 -23.40 -44.78
C PRO A 7 40.90 -24.40 -44.52
N LEU A 8 39.95 -24.49 -45.46
CA LEU A 8 38.77 -25.34 -45.31
C LEU A 8 39.09 -26.81 -45.39
N ASN A 9 40.35 -27.13 -45.69
CA ASN A 9 40.79 -28.51 -45.69
C ASN A 9 41.39 -28.97 -44.39
N ASP A 10 41.62 -28.02 -43.49
CA ASP A 10 42.24 -28.29 -42.21
C ASP A 10 41.16 -28.73 -41.24
N LYS A 11 41.16 -30.02 -40.88
CA LYS A 11 40.09 -30.55 -40.01
C LYS A 11 40.01 -29.77 -38.70
N ALA A 12 41.17 -29.36 -38.19
CA ALA A 12 41.25 -28.59 -36.95
C ALA A 12 40.56 -27.24 -37.09
N PHE A 13 40.73 -26.62 -38.27
CA PHE A 13 40.11 -25.33 -38.56
C PHE A 13 38.58 -25.47 -38.61
N ILE A 14 38.10 -26.46 -39.36
CA ILE A 14 36.67 -26.72 -39.38
C ILE A 14 36.16 -27.07 -37.98
N GLN A 15 36.74 -28.06 -37.32
CA GLN A 15 36.28 -28.40 -35.95
C GLN A 15 36.17 -27.19 -35.07
N GLN A 16 37.05 -26.22 -35.27
CA GLN A 16 37.03 -25.00 -34.48
C GLN A 16 35.83 -24.11 -34.90
N CYS A 17 35.56 -24.03 -36.21
CA CYS A 17 34.37 -23.35 -36.70
C CYS A 17 33.15 -24.02 -36.09
N ILE A 18 33.10 -25.35 -36.12
CA ILE A 18 31.97 -26.07 -35.55
C ILE A 18 31.83 -25.67 -34.09
N ARG A 19 32.94 -25.66 -33.36
CA ARG A 19 32.90 -25.27 -31.94
C ARG A 19 32.29 -23.87 -31.73
N GLN A 20 32.66 -22.88 -32.55
CA GLN A 20 32.07 -21.54 -32.44
C GLN A 20 30.57 -21.60 -32.64
N LEU A 21 30.18 -22.32 -33.69
CA LEU A 21 28.78 -22.50 -34.02
C LEU A 21 28.08 -23.07 -32.82
N CYS A 22 28.66 -24.12 -32.24
CA CYS A 22 28.09 -24.77 -31.09
C CYS A 22 27.97 -23.83 -29.90
N GLU A 23 29.04 -23.10 -29.63
CA GLU A 23 29.05 -22.20 -28.51
C GLU A 23 28.00 -21.08 -28.69
N PHE A 24 27.93 -20.48 -29.86
CA PHE A 24 27.01 -19.36 -30.06
C PHE A 24 25.55 -19.79 -29.84
N LEU A 25 25.18 -20.95 -30.37
CA LEU A 25 23.82 -21.48 -30.20
C LEU A 25 23.48 -21.71 -28.72
N THR A 26 24.36 -22.39 -28.02
CA THR A 26 24.21 -22.68 -26.61
C THR A 26 24.19 -21.43 -25.74
N GLU A 27 25.04 -20.48 -26.05
CA GLU A 27 25.13 -19.29 -25.20
C GLU A 27 24.12 -18.18 -25.55
N ASN A 28 23.50 -18.24 -26.73
CA ASN A 28 22.51 -17.23 -27.09
C ASN A 28 21.10 -17.82 -27.23
N GLY A 29 20.83 -18.85 -26.44
CA GLY A 29 19.50 -19.39 -26.29
C GLY A 29 18.80 -20.09 -27.42
N TYR A 30 19.54 -20.68 -28.37
CA TYR A 30 18.91 -21.49 -29.41
C TYR A 30 18.03 -22.51 -28.72
N ALA A 31 16.79 -22.64 -29.15
CA ALA A 31 15.82 -23.48 -28.45
C ALA A 31 16.03 -25.00 -28.60
N HIS A 32 16.97 -25.44 -29.42
CA HIS A 32 17.18 -26.88 -29.60
C HIS A 32 18.55 -27.35 -29.13
N ASN A 33 18.60 -28.54 -28.55
CA ASN A 33 19.88 -29.13 -28.14
C ASN A 33 20.91 -29.20 -29.26
N VAL A 34 22.10 -28.68 -28.99
CA VAL A 34 23.20 -28.85 -29.91
C VAL A 34 24.42 -29.35 -29.16
N SER A 35 25.39 -29.87 -29.89
CA SER A 35 26.64 -30.37 -29.32
C SER A 35 27.61 -30.57 -30.46
N MET A 36 28.90 -30.68 -30.14
CA MET A 36 29.92 -30.95 -31.16
C MET A 36 29.54 -32.16 -31.99
N LYS A 37 28.98 -33.18 -31.34
CA LYS A 37 28.53 -34.39 -32.03
C LYS A 37 27.40 -34.09 -33.01
N SER A 38 26.37 -33.36 -32.59
CA SER A 38 25.21 -33.09 -33.46
C SER A 38 25.49 -32.10 -34.59
N LEU A 39 26.67 -31.47 -34.60
CA LEU A 39 26.96 -30.49 -35.62
C LEU A 39 28.03 -30.95 -36.62
N GLN A 40 28.39 -32.22 -36.59
CA GLN A 40 29.36 -32.73 -37.52
C GLN A 40 28.76 -32.93 -38.94
N ALA A 41 27.46 -33.21 -38.99
CA ALA A 41 26.79 -33.55 -40.24
C ALA A 41 25.29 -33.29 -40.13
N PRO A 42 24.89 -32.01 -39.96
CA PRO A 42 23.45 -31.78 -39.82
C PRO A 42 22.67 -32.09 -41.10
N SER A 43 21.37 -32.32 -40.94
CA SER A 43 20.43 -32.55 -42.04
C SER A 43 20.07 -31.21 -42.64
N VAL A 44 19.36 -31.21 -43.76
CA VAL A 44 18.95 -29.93 -44.34
C VAL A 44 17.92 -29.25 -43.41
N LYS A 45 17.09 -30.06 -42.78
CA LYS A 45 16.05 -29.62 -41.85
C LYS A 45 16.64 -28.83 -40.65
N ASP A 46 17.62 -29.43 -39.98
CA ASP A 46 18.29 -28.80 -38.82
C ASP A 46 19.09 -27.59 -39.23
N PHE A 47 19.75 -27.69 -40.38
CA PHE A 47 20.46 -26.54 -40.92
C PHE A 47 19.50 -25.34 -41.07
N LEU A 48 18.34 -25.59 -41.68
CA LEU A 48 17.40 -24.53 -41.94
C LEU A 48 16.91 -23.92 -40.62
N LYS A 49 16.78 -24.75 -39.58
CA LYS A 49 16.41 -24.23 -38.26
C LYS A 49 17.49 -23.32 -37.69
N ILE A 50 18.74 -23.78 -37.77
CA ILE A 50 19.90 -23.00 -37.28
C ILE A 50 20.03 -21.68 -38.06
N PHE A 51 19.93 -21.76 -39.38
CA PHE A 51 20.02 -20.55 -40.17
C PHE A 51 18.89 -19.55 -39.87
N THR A 52 17.68 -20.06 -39.69
CA THR A 52 16.55 -19.18 -39.39
C THR A 52 16.79 -18.47 -38.07
N PHE A 53 17.36 -19.21 -37.11
CA PHE A 53 17.68 -18.63 -35.82
C PHE A 53 18.68 -17.47 -35.99
N LEU A 54 19.79 -17.75 -36.64
CA LEU A 54 20.87 -16.75 -36.74
C LEU A 54 20.41 -15.52 -37.49
N TYR A 55 19.87 -15.70 -38.70
CA TYR A 55 19.46 -14.55 -39.51
C TYR A 55 18.39 -13.74 -38.80
N GLY A 56 17.73 -14.40 -37.84
CA GLY A 56 16.74 -13.75 -36.99
C GLY A 56 17.30 -12.55 -36.25
N PHE A 57 18.59 -12.57 -35.93
CA PHE A 57 19.21 -11.46 -35.23
C PHE A 57 19.38 -10.23 -36.10
N LEU A 58 19.27 -10.37 -37.41
CA LEU A 58 19.48 -9.23 -38.30
C LEU A 58 18.14 -8.85 -38.91
N CYS A 59 17.25 -9.84 -39.04
CA CYS A 59 15.89 -9.57 -39.50
C CYS A 59 14.90 -10.18 -38.55
N PRO A 60 14.51 -9.39 -37.54
CA PRO A 60 13.64 -9.90 -36.49
C PRO A 60 12.36 -10.48 -37.07
N SER A 61 11.95 -11.61 -36.51
CA SER A 61 10.72 -12.32 -36.88
C SER A 61 10.75 -12.81 -38.33
N TYR A 62 11.95 -13.07 -38.82
CA TYR A 62 12.15 -13.70 -40.11
C TYR A 62 11.74 -15.18 -40.06
N GLU A 63 11.08 -15.63 -41.12
CA GLU A 63 10.81 -17.04 -41.32
C GLU A 63 11.02 -17.29 -42.79
N LEU A 64 11.57 -18.44 -43.14
CA LEU A 64 11.88 -18.70 -44.53
C LEU A 64 10.65 -19.18 -45.29
N PRO A 65 10.53 -18.76 -46.58
CA PRO A 65 9.43 -19.22 -47.42
C PRO A 65 9.44 -20.74 -47.53
N ASP A 66 8.25 -21.34 -47.53
CA ASP A 66 8.12 -22.79 -47.53
C ASP A 66 8.64 -23.48 -48.81
N THR A 67 8.91 -22.68 -49.84
CA THR A 67 9.50 -23.21 -51.08
C THR A 67 10.78 -22.44 -51.47
N LYS A 68 11.54 -23.05 -52.37
CA LYS A 68 12.74 -22.46 -52.98
C LYS A 68 13.84 -22.01 -52.00
N PHE A 69 14.03 -22.77 -50.92
CA PHE A 69 15.08 -22.46 -49.93
C PHE A 69 16.47 -22.45 -50.56
N GLU A 70 16.66 -23.21 -51.65
CA GLU A 70 17.95 -23.29 -52.34
C GLU A 70 18.36 -21.95 -52.93
N GLU A 71 17.39 -21.06 -53.08
CA GLU A 71 17.60 -19.75 -53.69
C GLU A 71 17.67 -18.67 -52.63
N GLU A 72 16.76 -18.73 -51.65
CA GLU A 72 16.73 -17.79 -50.52
C GLU A 72 18.05 -17.66 -49.75
N VAL A 73 18.50 -18.78 -49.18
CA VAL A 73 19.68 -18.81 -48.33
C VAL A 73 20.91 -18.20 -49.06
N PRO A 74 21.29 -18.70 -50.25
CA PRO A 74 22.38 -18.01 -50.92
C PRO A 74 22.09 -16.52 -51.19
N ARG A 75 20.88 -16.18 -51.61
CA ARG A 75 20.57 -14.76 -51.85
C ARG A 75 20.77 -13.94 -50.57
N ILE A 76 20.30 -14.48 -49.44
CA ILE A 76 20.48 -13.81 -48.16
C ILE A 76 21.96 -13.59 -47.85
N PHE A 77 22.77 -14.62 -48.01
CA PHE A 77 24.21 -14.44 -47.82
C PHE A 77 24.78 -13.37 -48.79
N LYS A 78 24.37 -13.41 -50.05
CA LYS A 78 24.89 -12.43 -50.99
C LYS A 78 24.59 -11.01 -50.55
N ASP A 79 23.33 -10.75 -50.18
CA ASP A 79 22.90 -9.42 -49.81
C ASP A 79 23.57 -8.92 -48.52
N LEU A 80 23.90 -9.84 -47.61
CA LEU A 80 24.62 -9.44 -46.39
C LEU A 80 26.08 -9.08 -46.72
N GLY A 81 26.47 -9.30 -47.97
CA GLY A 81 27.84 -9.03 -48.36
C GLY A 81 28.86 -10.15 -48.13
N TYR A 82 28.38 -11.39 -48.06
CA TYR A 82 29.28 -12.54 -47.97
C TYR A 82 30.08 -12.63 -49.28
N PRO A 83 31.43 -12.55 -49.18
CA PRO A 83 32.31 -12.59 -50.35
C PRO A 83 32.34 -13.86 -51.18
N PHE A 84 31.78 -14.98 -50.72
CA PHE A 84 31.89 -16.26 -51.47
C PHE A 84 30.57 -16.88 -51.85
N ALA A 85 30.46 -17.33 -53.08
CA ALA A 85 29.21 -17.91 -53.60
C ALA A 85 28.83 -19.22 -52.91
N LEU A 86 27.53 -19.36 -52.65
CA LEU A 86 26.97 -20.59 -52.10
C LEU A 86 26.14 -21.23 -53.19
N SER A 87 26.53 -22.42 -53.62
CA SER A 87 25.86 -23.03 -54.75
C SER A 87 24.50 -23.54 -54.34
N LYS A 88 23.58 -23.50 -55.29
CA LYS A 88 22.23 -24.01 -55.17
C LYS A 88 22.29 -25.46 -54.70
N SER A 89 23.24 -26.25 -55.21
CA SER A 89 23.32 -27.66 -54.85
C SER A 89 23.89 -27.92 -53.45
N SER A 90 24.82 -27.08 -52.97
CA SER A 90 25.35 -27.28 -51.60
C SER A 90 24.23 -27.11 -50.55
N MET A 91 23.24 -26.29 -50.88
CA MET A 91 22.06 -26.15 -50.03
C MET A 91 21.33 -27.48 -49.84
N TYR A 92 21.29 -28.29 -50.88
CA TYR A 92 20.62 -29.59 -50.85
C TYR A 92 21.41 -30.62 -50.07
N THR A 93 22.71 -30.37 -49.88
CA THR A 93 23.56 -31.37 -49.27
C THR A 93 24.43 -30.81 -48.14
N VAL A 94 23.90 -29.84 -47.40
CA VAL A 94 24.65 -29.09 -46.37
C VAL A 94 25.61 -29.88 -45.45
N GLY A 95 25.15 -30.99 -44.87
CA GLY A 95 25.98 -31.74 -43.92
C GLY A 95 26.84 -32.86 -44.47
N ALA A 96 26.83 -33.04 -45.80
CA ALA A 96 27.63 -34.08 -46.47
C ALA A 96 29.15 -33.80 -46.37
N PRO A 97 29.99 -34.85 -46.40
CA PRO A 97 31.41 -34.64 -46.08
C PRO A 97 32.19 -33.63 -46.94
N HIS A 98 31.85 -33.41 -48.21
CA HIS A 98 32.51 -32.36 -48.98
C HIS A 98 31.75 -31.03 -48.94
N THR A 99 30.66 -30.94 -48.19
CA THR A 99 29.89 -29.71 -48.21
C THR A 99 30.00 -28.95 -46.89
N TRP A 100 29.81 -29.68 -45.79
CA TRP A 100 29.75 -29.05 -44.48
C TRP A 100 30.88 -28.05 -44.21
N PRO A 101 32.15 -28.39 -44.57
CA PRO A 101 33.19 -27.40 -44.34
C PRO A 101 32.89 -25.99 -44.91
N HIS A 102 32.36 -25.91 -46.14
CA HIS A 102 31.98 -24.64 -46.76
C HIS A 102 30.79 -23.98 -46.02
N ILE A 103 29.83 -24.78 -45.61
CA ILE A 103 28.63 -24.20 -45.03
C ILE A 103 28.93 -23.67 -43.63
N VAL A 104 29.61 -24.48 -42.82
CA VAL A 104 29.91 -24.09 -41.44
C VAL A 104 30.74 -22.79 -41.47
N ALA A 105 31.67 -22.69 -42.40
CA ALA A 105 32.42 -21.43 -42.58
C ALA A 105 31.43 -20.26 -42.79
N ALA A 106 30.45 -20.45 -43.67
CA ALA A 106 29.45 -19.41 -43.93
C ALA A 106 28.70 -19.08 -42.64
N LEU A 107 28.34 -20.11 -41.87
CA LEU A 107 27.58 -19.88 -40.65
C LEU A 107 28.40 -19.05 -39.65
N VAL A 108 29.67 -19.42 -39.50
CA VAL A 108 30.60 -18.71 -38.65
C VAL A 108 30.82 -17.28 -39.15
N TRP A 109 30.75 -17.05 -40.46
CA TRP A 109 30.83 -15.67 -40.96
C TRP A 109 29.53 -14.90 -40.59
N LEU A 110 28.40 -15.62 -40.65
CA LEU A 110 27.13 -15.03 -40.31
C LEU A 110 27.10 -14.66 -38.82
N ILE A 111 27.68 -15.53 -37.97
CA ILE A 111 27.79 -15.27 -36.52
C ILE A 111 28.62 -14.00 -36.23
N ASP A 112 29.67 -13.77 -37.02
CA ASP A 112 30.48 -12.58 -36.84
C ASP A 112 29.66 -11.33 -37.17
N CYS A 113 28.91 -11.37 -38.28
CA CYS A 113 28.01 -10.27 -38.61
C CYS A 113 27.14 -9.95 -37.40
N ILE A 114 26.54 -10.99 -36.82
CA ILE A 114 25.65 -10.88 -35.68
C ILE A 114 26.38 -10.24 -34.50
N LYS A 115 27.58 -10.74 -34.20
CA LYS A 115 28.36 -10.16 -33.14
C LYS A 115 28.58 -8.66 -33.39
N ILE A 116 28.98 -8.31 -34.61
CA ILE A 116 29.13 -6.91 -34.99
C ILE A 116 27.84 -6.11 -34.73
N HIS A 117 26.73 -6.59 -35.30
CA HIS A 117 25.45 -5.94 -35.16
C HIS A 117 25.02 -5.78 -33.68
N THR A 118 24.92 -6.91 -32.99
CA THR A 118 24.68 -6.96 -31.56
C THR A 118 25.45 -5.89 -30.78
N ALA A 119 26.74 -5.72 -31.11
CA ALA A 119 27.58 -4.75 -30.42
C ALA A 119 27.17 -3.32 -30.72
N MET A 120 27.01 -3.01 -32.01
CA MET A 120 26.61 -1.67 -32.46
C MET A 120 25.13 -1.39 -32.25
N LYS A 121 24.61 -1.88 -31.13
CA LYS A 121 23.22 -1.76 -30.73
C LYS A 121 23.17 -1.41 -29.26
N GLU A 122 23.95 -2.14 -28.45
CA GLU A 122 24.10 -1.84 -27.04
C GLU A 122 24.82 -0.52 -26.85
N SER A 123 26.02 -0.41 -27.43
CA SER A 123 26.76 0.85 -27.35
C SER A 123 26.21 1.85 -28.34
N SER A 124 25.77 2.99 -27.75
CA SER A 124 24.96 3.99 -28.48
C SER A 124 24.91 5.28 -27.65
N GLY A 134 26.93 14.34 -34.35
CA GLY A 134 27.06 15.35 -35.42
C GLY A 134 26.34 16.67 -35.14
N GLU A 135 27.11 17.66 -34.67
CA GLU A 135 26.56 19.02 -34.43
C GLU A 135 27.19 20.10 -35.30
N GLU A 136 27.99 19.67 -36.28
CA GLU A 136 28.55 20.56 -37.30
C GLU A 136 28.19 19.95 -38.65
N THR A 137 27.83 20.80 -39.61
CA THR A 137 27.32 20.29 -40.88
C THR A 137 28.04 20.93 -42.06
N GLU A 138 28.07 20.24 -43.20
CA GLU A 138 28.79 20.72 -44.38
C GLU A 138 28.16 21.96 -45.03
N ASP A 139 26.89 22.23 -44.76
CA ASP A 139 26.19 23.41 -45.30
C ASP A 139 26.62 24.66 -44.55
N GLY A 140 27.07 24.46 -43.31
CA GLY A 140 27.49 25.58 -42.47
C GLY A 140 26.56 25.80 -41.30
N ILE A 141 25.87 24.74 -40.88
CA ILE A 141 24.98 24.82 -39.73
C ILE A 141 25.75 24.40 -38.50
N MET A 142 25.74 25.27 -37.50
CA MET A 142 26.33 24.96 -36.21
C MET A 142 25.16 24.76 -35.27
N HIS A 143 25.37 23.92 -34.24
CA HIS A 143 24.29 23.56 -33.32
C HIS A 143 23.24 22.77 -34.09
N ASN A 144 23.70 21.78 -34.85
CA ASN A 144 22.84 20.99 -35.72
C ASN A 144 21.72 20.29 -34.97
N LYS A 145 22.01 19.73 -33.80
CA LYS A 145 20.99 19.07 -32.97
C LYS A 145 19.78 19.99 -32.72
N LEU A 146 20.05 21.27 -32.45
CA LEU A 146 19.01 22.26 -32.26
C LEU A 146 18.27 22.55 -33.57
N PHE A 147 19.03 22.74 -34.65
CA PHE A 147 18.46 23.02 -35.97
C PHE A 147 17.59 21.87 -36.46
N LEU A 148 18.08 20.65 -36.25
CA LEU A 148 17.32 19.44 -36.56
C LEU A 148 16.01 19.41 -35.78
N ASP A 149 16.10 19.71 -34.49
CA ASP A 149 14.92 19.72 -33.65
C ASP A 149 13.88 20.70 -34.17
N TYR A 150 14.35 21.87 -34.58
CA TYR A 150 13.53 22.93 -35.15
C TYR A 150 12.94 22.53 -36.52
N THR A 151 13.82 22.10 -37.44
CA THR A 151 13.41 21.62 -38.76
C THR A 151 12.36 20.51 -38.66
N ILE A 152 12.61 19.53 -37.78
CA ILE A 152 11.66 18.45 -37.61
C ILE A 152 10.29 19.01 -37.20
N LYS A 153 10.27 19.80 -36.12
CA LYS A 153 9.02 20.41 -35.65
C LYS A 153 8.34 21.28 -36.70
N CYS A 154 9.15 21.99 -37.50
CA CYS A 154 8.58 22.77 -38.59
C CYS A 154 7.92 21.85 -39.60
N TYR A 155 8.64 20.80 -39.99
CA TYR A 155 8.13 19.83 -40.97
C TYR A 155 6.80 19.20 -40.53
N GLU A 156 6.70 18.80 -39.26
CA GLU A 156 5.48 18.17 -38.75
C GLU A 156 4.33 19.16 -38.85
N SER A 157 4.57 20.40 -38.45
CA SER A 157 3.56 21.45 -38.56
C SER A 157 3.15 21.57 -40.03
N PHE A 158 4.15 21.80 -40.89
CA PHE A 158 3.96 21.89 -42.32
C PHE A 158 3.13 20.75 -42.88
N MET A 159 3.44 19.59 -42.31
CA MET A 159 2.78 18.30 -42.45
C MET A 159 1.32 18.40 -42.33
N SER A 160 0.88 19.15 -41.35
CA SER A 160 -0.50 19.24 -41.07
C SER A 160 -1.13 20.45 -41.64
N GLY A 161 -0.61 21.65 -41.43
CA GLY A 161 -1.37 22.78 -41.92
C GLY A 161 -0.76 24.08 -42.33
N ALA A 162 0.22 24.56 -41.62
CA ALA A 162 0.92 25.80 -41.98
C ALA A 162 0.09 27.07 -42.23
N ASP A 163 0.65 27.99 -43.00
CA ASP A 163 1.99 27.82 -43.51
C ASP A 163 2.85 28.67 -42.62
N SER A 164 2.47 28.74 -41.35
CA SER A 164 3.21 29.50 -40.38
C SER A 164 3.93 28.59 -39.44
N PHE A 165 5.06 29.03 -38.95
CA PHE A 165 5.82 28.29 -37.99
C PHE A 165 6.21 29.19 -36.87
N ASP A 166 5.24 29.88 -36.32
CA ASP A 166 5.56 30.86 -35.32
C ASP A 166 5.69 30.21 -33.99
N GLU A 167 4.93 29.17 -33.75
CA GLU A 167 5.20 28.41 -32.54
C GLU A 167 6.67 28.03 -32.55
N MET A 168 7.11 27.47 -33.67
CA MET A 168 8.46 26.93 -33.81
C MET A 168 9.51 28.02 -33.71
N ASN A 169 9.28 29.13 -34.41
CA ASN A 169 10.21 30.25 -34.42
C ASN A 169 10.36 30.86 -33.04
N ALA A 170 9.25 30.93 -32.30
CA ALA A 170 9.24 31.40 -30.91
C ALA A 170 10.10 30.49 -30.05
N GLU A 171 9.78 29.19 -30.05
CA GLU A 171 10.53 28.21 -29.30
C GLU A 171 12.01 28.27 -29.67
N LEU A 172 12.32 28.38 -30.96
CA LEU A 172 13.69 28.51 -31.41
C LEU A 172 14.34 29.76 -30.83
N GLN A 173 13.63 30.88 -30.90
CA GLN A 173 14.10 32.15 -30.35
C GLN A 173 14.38 32.03 -28.86
N SER A 174 13.51 31.33 -28.14
CA SER A 174 13.69 31.10 -26.71
C SER A 174 14.97 30.31 -26.43
N LYS A 175 15.19 29.26 -27.21
CA LYS A 175 16.37 28.42 -27.03
C LYS A 175 17.66 29.15 -27.40
N LEU A 176 17.57 30.07 -28.35
CA LEU A 176 18.72 30.86 -28.74
C LEU A 176 19.05 31.90 -27.70
N LYS A 177 18.01 32.40 -27.02
CA LYS A 177 18.18 33.35 -25.92
C LYS A 177 18.95 32.72 -24.77
N ASP A 178 18.59 31.49 -24.43
CA ASP A 178 19.26 30.76 -23.33
C ASP A 178 20.70 30.38 -23.68
N LEU A 179 20.90 29.93 -24.91
CA LEU A 179 22.21 29.45 -25.37
C LEU A 179 23.23 30.58 -25.47
N PHE A 180 22.76 31.80 -25.71
CA PHE A 180 23.66 32.95 -25.83
C PHE A 180 23.55 33.96 -24.69
N ASN A 181 22.50 33.84 -23.89
CA ASN A 181 22.19 34.77 -22.78
C ASN A 181 21.97 36.23 -23.18
N VAL A 182 21.54 36.44 -24.44
CA VAL A 182 21.35 37.80 -24.92
C VAL A 182 19.89 38.10 -25.20
N ASP A 183 19.45 39.26 -24.74
CA ASP A 183 18.11 39.77 -25.00
C ASP A 183 18.27 41.15 -25.61
N ALA A 184 17.25 41.62 -26.31
CA ALA A 184 17.23 42.99 -26.80
C ALA A 184 17.15 43.94 -25.60
N PHE A 185 16.84 43.37 -24.44
CA PHE A 185 16.80 44.11 -23.17
C PHE A 185 18.15 44.01 -22.45
N LYS A 186 18.67 42.79 -22.30
CA LYS A 186 19.92 42.56 -21.57
C LYS A 186 21.13 43.27 -22.23
N LEU A 187 21.07 43.45 -23.54
CA LEU A 187 22.10 44.16 -24.28
C LEU A 187 21.94 45.67 -24.09
N GLU A 188 20.68 46.12 -24.10
CA GLU A 188 20.33 47.53 -23.96
C GLU A 188 20.51 48.02 -22.53
N SER A 189 20.36 47.12 -21.56
CA SER A 189 20.48 47.45 -20.14
C SER A 189 21.90 47.92 -19.80
N LEU A 190 22.90 47.18 -20.29
CA LEU A 190 24.29 47.56 -20.08
C LEU A 190 24.71 48.75 -20.95
N GLU A 191 23.97 48.96 -22.05
CA GLU A 191 24.21 50.07 -22.97
C GLU A 191 24.15 51.43 -22.26
N ALA A 192 23.15 51.61 -21.39
CA ALA A 192 23.01 52.84 -20.62
C ALA A 192 23.69 52.70 -19.26
N LYS A 193 23.88 51.46 -18.83
CA LYS A 193 24.50 51.14 -17.53
C LYS A 193 26.00 51.43 -17.53
N ASN A 194 26.66 51.15 -18.65
CA ASN A 194 28.09 51.42 -18.77
C ASN A 194 28.35 52.85 -19.23
N ARG A 195 27.31 53.48 -19.75
CA ARG A 195 27.38 54.86 -20.19
C ARG A 195 27.23 55.75 -18.97
N ALA A 196 26.50 55.25 -17.98
CA ALA A 196 26.21 55.98 -16.74
C ALA A 196 27.46 56.25 -15.89
N LEU A 197 28.38 55.29 -15.87
CA LEU A 197 29.60 55.44 -15.08
C LEU A 197 30.73 56.17 -15.83
N ASN A 198 30.62 56.27 -17.14
CA ASN A 198 31.61 56.99 -17.95
C ASN A 198 31.55 58.51 -17.74
N GLU A 199 30.33 59.04 -17.69
CA GLU A 199 30.09 60.46 -17.42
C GLU A 199 30.46 60.76 -15.97
N GLN A 200 30.19 59.79 -15.11
CA GLN A 200 30.51 59.86 -13.68
C GLN A 200 32.03 59.81 -13.48
N ILE A 201 32.73 59.04 -14.32
CA ILE A 201 34.20 59.00 -14.31
C ILE A 201 34.76 60.32 -14.83
N ALA A 202 34.15 60.86 -15.90
CA ALA A 202 34.53 62.16 -16.44
C ALA A 202 34.22 63.28 -15.43
N ARG A 203 33.26 63.00 -14.56
CA ARG A 203 32.85 63.91 -13.48
C ARG A 203 33.78 63.77 -12.26
N LEU A 204 34.27 62.54 -12.02
CA LEU A 204 35.24 62.28 -10.95
C LEU A 204 36.63 62.77 -11.38
N GLU A 205 36.82 62.91 -12.69
CA GLU A 205 38.04 63.48 -13.26
C GLU A 205 38.05 64.99 -13.05
N GLN A 206 36.86 65.59 -13.12
CA GLN A 206 36.69 67.03 -12.98
C GLN A 206 36.90 67.52 -11.54
N GLU A 207 36.57 66.67 -10.56
CA GLU A 207 36.83 66.96 -9.14
C GLU A 207 38.32 66.98 -8.86
N ARG A 208 39.03 65.98 -9.40
CA ARG A 208 40.47 65.83 -9.22
C ARG A 208 41.26 66.85 -10.07
N SER A 209 40.60 67.42 -11.08
CA SER A 209 41.17 68.47 -11.93
C SER A 209 40.99 69.86 -11.29
N THR A 210 39.87 70.05 -10.59
CA THR A 210 39.59 71.30 -9.86
C THR A 210 40.34 71.27 -8.52
N ALA A 211 40.72 70.08 -8.08
CA ALA A 211 41.52 69.91 -6.85
C ALA A 211 42.99 70.25 -7.07
N ASN A 212 43.44 70.23 -8.33
CA ASN A 212 44.82 70.56 -8.66
C ASN A 212 45.06 72.07 -8.76
N LYS A 213 44.11 72.77 -9.37
CA LYS A 213 44.19 74.23 -9.53
C LYS A 213 43.84 74.98 -8.22
N ALA A 214 42.88 74.43 -7.46
CA ALA A 214 42.46 75.02 -6.16
C ALA A 214 43.41 74.69 -5.00
N ASN A 215 44.38 73.80 -5.26
CA ASN A 215 45.49 73.49 -4.33
C ASN A 215 46.76 74.30 -4.64
N ALA A 216 47.12 74.36 -5.92
CA ALA A 216 48.30 75.09 -6.38
C ALA A 216 48.10 76.62 -6.38
N GLU A 217 46.84 77.06 -6.31
CA GLU A 217 46.54 78.49 -6.25
C GLU A 217 46.33 78.95 -4.81
N ARG A 218 45.83 78.06 -3.95
CA ARG A 218 45.60 78.39 -2.55
C ARG A 218 46.85 78.21 -1.68
N LEU A 219 47.81 77.42 -2.17
CA LEU A 219 49.10 77.23 -1.50
C LEU A 219 50.06 78.37 -1.93
N LYS A 220 49.77 78.96 -3.09
CA LYS A 220 50.51 80.13 -3.58
C LYS A 220 49.95 81.43 -2.96
N ARG A 221 48.75 81.33 -2.41
CA ARG A 221 48.09 82.46 -1.74
C ARG A 221 48.32 82.46 -0.22
N LEU A 222 48.56 81.29 0.35
CA LEU A 222 48.83 81.18 1.79
C LEU A 222 50.32 81.43 2.11
N GLN A 223 51.16 81.38 1.09
CA GLN A 223 52.59 81.68 1.22
C GLN A 223 52.85 83.18 1.25
N LYS A 224 52.05 83.92 0.49
CA LYS A 224 52.15 85.39 0.44
C LYS A 224 51.66 86.03 1.74
N SER A 225 50.66 85.39 2.36
CA SER A 225 50.15 85.83 3.64
C SER A 225 51.12 85.48 4.76
N ALA A 226 51.84 84.38 4.57
CA ALA A 226 52.88 83.94 5.51
C ALA A 226 54.08 84.90 5.49
N ASP A 227 54.36 85.46 4.31
CA ASP A 227 55.42 86.45 4.13
C ASP A 227 55.00 87.80 4.72
N LEU A 228 53.69 88.06 4.68
CA LEU A 228 53.12 89.31 5.16
C LEU A 228 53.11 89.35 6.69
N TYR A 229 52.91 88.19 7.32
CA TYR A 229 52.96 88.07 8.78
C TYR A 229 54.39 88.09 9.32
N LYS A 230 55.30 87.50 8.55
CA LYS A 230 56.73 87.43 8.91
C LYS A 230 57.38 88.81 8.83
N ASP A 231 56.92 89.63 7.90
CA ASP A 231 57.44 90.98 7.73
C ASP A 231 56.84 91.96 8.75
N ARG A 232 55.52 91.96 8.89
CA ARG A 232 54.84 92.86 9.84
C ARG A 232 55.22 92.59 11.31
N LEU A 233 55.03 91.35 11.75
CA LEU A 233 55.28 90.99 13.15
C LEU A 233 56.75 90.72 13.43
N GLY A 234 57.53 90.50 12.37
CA GLY A 234 58.95 90.21 12.51
C GLY A 234 59.17 88.88 13.22
N LEU A 235 58.35 87.89 12.86
CA LEU A 235 58.40 86.57 13.47
C LEU A 235 58.47 85.49 12.40
N GLU A 236 59.49 84.63 12.50
CA GLU A 236 59.67 83.52 11.59
C GLU A 236 59.62 82.18 12.33
N ILE A 237 58.74 81.30 11.85
CA ILE A 237 58.59 79.95 12.42
C ILE A 237 58.57 78.90 11.31
N ARG A 238 59.30 77.80 11.55
CA ARG A 238 59.41 76.69 10.60
C ARG A 238 59.78 75.39 11.30
N PHE A 249 62.49 85.19 14.85
CA PHE A 249 62.34 86.51 15.50
C PHE A 249 63.31 87.61 15.02
N THR A 250 62.71 88.80 14.80
CA THR A 250 63.45 90.00 14.42
C THR A 250 62.75 91.26 14.95
N ASN A 251 63.45 92.40 14.89
CA ASN A 251 62.95 93.71 15.36
C ASN A 251 62.69 93.80 16.87
N ILE A 252 63.60 93.23 17.66
CA ILE A 252 63.44 93.22 19.13
C ILE A 252 64.23 94.34 19.80
N ASN A 256 67.62 97.82 19.55
CA ASN A 256 67.30 98.33 18.20
C ASN A 256 68.02 97.60 17.04
N PRO A 257 68.34 96.30 17.23
CA PRO A 257 68.93 95.57 16.10
C PRO A 257 67.88 94.77 15.33
N GLU A 258 68.08 94.59 14.02
CA GLU A 258 67.19 93.76 13.22
C GLU A 258 67.81 92.36 13.05
N SER A 259 68.73 92.05 13.96
CA SER A 259 69.46 90.78 13.98
C SER A 259 68.59 89.60 14.44
N PRO A 260 68.80 88.40 13.85
CA PRO A 260 68.05 87.18 14.22
C PRO A 260 68.22 86.77 15.69
N PHE A 261 67.26 85.98 16.19
CA PHE A 261 67.26 85.51 17.58
C PHE A 261 67.32 83.98 17.68
N ARG A 306 57.10 87.30 24.17
CA ARG A 306 58.01 88.12 23.38
C ARG A 306 58.91 88.97 24.27
N LYS A 307 58.32 89.56 25.31
CA LYS A 307 59.00 90.49 26.22
C LYS A 307 60.23 89.90 26.95
N ALA A 308 60.36 88.58 26.90
CA ALA A 308 61.54 87.91 27.46
C ALA A 308 62.73 88.11 26.53
N PHE A 309 62.48 88.07 25.22
CA PHE A 309 63.52 88.32 24.21
C PHE A 309 63.81 89.82 24.07
N THR A 310 62.83 90.66 24.43
CA THR A 310 62.99 92.11 24.29
C THR A 310 63.81 92.72 25.44
N ALA A 311 63.87 92.01 26.56
CA ALA A 311 64.60 92.47 27.74
C ALA A 311 66.05 91.96 27.79
N THR A 312 66.47 91.31 26.69
CA THR A 312 67.85 90.81 26.58
C THR A 312 68.53 91.36 25.30
N MET B 1 1.30 -22.56 -12.79
CA MET B 1 2.60 -22.24 -12.13
C MET B 1 3.74 -23.24 -12.40
N ILE B 2 3.42 -24.42 -12.95
CA ILE B 2 4.47 -25.39 -13.30
C ILE B 2 4.73 -25.32 -14.79
N LYS B 3 3.79 -25.84 -15.57
CA LYS B 3 3.87 -25.73 -17.03
C LYS B 3 3.14 -24.47 -17.46
N ASP B 4 3.84 -23.66 -18.25
CA ASP B 4 3.33 -22.40 -18.76
C ASP B 4 2.07 -22.63 -19.59
N PRO B 5 0.96 -21.97 -19.22
CA PRO B 5 -0.27 -22.09 -20.00
C PRO B 5 -0.22 -21.27 -21.27
N ARG B 6 0.79 -20.41 -21.41
CA ARG B 6 0.84 -19.44 -22.48
C ARG B 6 1.49 -19.96 -23.75
N PRO B 7 0.92 -19.60 -24.92
CA PRO B 7 1.40 -19.99 -26.26
C PRO B 7 2.65 -19.21 -26.68
N LEU B 8 3.73 -19.33 -25.90
CA LEU B 8 4.97 -18.57 -26.12
C LEU B 8 5.60 -18.71 -27.49
N ASN B 9 5.27 -19.77 -28.21
CA ASN B 9 5.86 -19.91 -29.53
C ASN B 9 4.85 -19.68 -30.64
N ASP B 10 3.74 -19.04 -30.30
CA ASP B 10 2.80 -18.58 -31.28
C ASP B 10 3.14 -17.12 -31.58
N LYS B 11 3.42 -16.82 -32.84
CA LYS B 11 3.76 -15.45 -33.28
C LYS B 11 2.74 -14.43 -32.81
N ALA B 12 1.47 -14.71 -33.02
CA ALA B 12 0.38 -13.81 -32.63
C ALA B 12 0.41 -13.50 -31.13
N PHE B 13 0.67 -14.49 -30.29
CA PHE B 13 0.69 -14.25 -28.86
C PHE B 13 1.89 -13.38 -28.46
N ILE B 14 3.03 -13.64 -29.07
CA ILE B 14 4.19 -12.80 -28.79
C ILE B 14 3.95 -11.39 -29.34
N GLN B 15 3.25 -11.31 -30.47
CA GLN B 15 2.92 -10.00 -31.03
C GLN B 15 1.92 -9.28 -30.14
N GLN B 16 1.00 -10.05 -29.54
CA GLN B 16 0.02 -9.51 -28.61
C GLN B 16 0.74 -8.95 -27.41
N CYS B 17 1.74 -9.70 -26.91
CA CYS B 17 2.55 -9.27 -25.78
C CYS B 17 3.24 -7.96 -26.07
N ILE B 18 3.92 -7.89 -27.21
CA ILE B 18 4.65 -6.67 -27.58
C ILE B 18 3.70 -5.46 -27.61
N ARG B 19 2.53 -5.64 -28.23
CA ARG B 19 1.47 -4.63 -28.29
C ARG B 19 1.07 -4.12 -26.89
N GLN B 20 0.90 -5.05 -25.95
CA GLN B 20 0.53 -4.69 -24.58
C GLN B 20 1.60 -3.83 -23.92
N LEU B 21 2.86 -4.24 -24.11
CA LEU B 21 4.02 -3.52 -23.61
C LEU B 21 4.12 -2.15 -24.26
N CYS B 22 4.00 -2.12 -25.57
CA CYS B 22 4.07 -0.86 -26.27
C CYS B 22 3.00 0.05 -25.73
N GLU B 23 1.74 -0.40 -25.77
CA GLU B 23 0.61 0.37 -25.25
C GLU B 23 0.84 0.91 -23.84
N PHE B 24 1.26 0.03 -22.92
CA PHE B 24 1.46 0.40 -21.53
C PHE B 24 2.50 1.51 -21.39
N LEU B 25 3.67 1.31 -22.02
CA LEU B 25 4.73 2.31 -21.98
C LEU B 25 4.24 3.70 -22.46
N THR B 26 3.61 3.73 -23.64
CA THR B 26 3.12 4.98 -24.24
C THR B 26 2.08 5.69 -23.38
N GLU B 27 1.20 4.90 -22.78
CA GLU B 27 0.08 5.42 -22.03
C GLU B 27 0.44 5.81 -20.62
N ASN B 28 1.66 5.48 -20.20
CA ASN B 28 2.09 5.82 -18.85
C ASN B 28 3.28 6.75 -18.80
N GLY B 29 3.49 7.47 -19.90
CA GLY B 29 4.52 8.48 -20.01
C GLY B 29 5.97 8.06 -20.04
N TYR B 30 6.25 6.83 -20.49
CA TYR B 30 7.63 6.33 -20.65
C TYR B 30 8.45 7.33 -21.50
N ALA B 31 9.59 7.77 -20.98
CA ALA B 31 10.35 8.89 -21.55
C ALA B 31 10.96 8.68 -22.93
N HIS B 32 11.23 7.42 -23.29
CA HIS B 32 11.87 7.12 -24.56
C HIS B 32 10.87 6.59 -25.56
N ASN B 33 11.09 6.90 -26.83
CA ASN B 33 10.20 6.48 -27.92
C ASN B 33 10.18 4.98 -28.10
N VAL B 34 8.98 4.42 -28.21
CA VAL B 34 8.81 3.01 -28.45
C VAL B 34 7.79 2.81 -29.53
N SER B 35 7.91 1.68 -30.23
CA SER B 35 7.00 1.28 -31.28
C SER B 35 6.99 -0.23 -31.40
N MET B 36 5.96 -0.78 -32.07
CA MET B 36 5.90 -2.21 -32.35
C MET B 36 7.21 -2.65 -33.00
N LYS B 37 7.72 -1.80 -33.88
CA LYS B 37 8.99 -2.03 -34.55
C LYS B 37 10.16 -2.04 -33.58
N SER B 38 10.30 -0.97 -32.78
CA SER B 38 11.44 -0.90 -31.86
C SER B 38 11.48 -2.00 -30.78
N LEU B 39 10.38 -2.72 -30.56
CA LEU B 39 10.33 -3.74 -29.50
C LEU B 39 10.41 -5.20 -29.99
N GLN B 40 10.82 -5.42 -31.23
CA GLN B 40 10.93 -6.78 -31.77
C GLN B 40 12.15 -7.55 -31.24
N ALA B 41 13.23 -6.81 -31.00
CA ALA B 41 14.50 -7.34 -30.51
C ALA B 41 15.26 -6.23 -29.76
N PRO B 42 14.75 -5.83 -28.59
CA PRO B 42 15.42 -4.73 -27.87
C PRO B 42 16.85 -5.08 -27.48
N SER B 43 17.67 -4.05 -27.33
CA SER B 43 19.01 -4.20 -26.79
C SER B 43 18.86 -4.44 -25.29
N VAL B 44 19.87 -5.03 -24.65
CA VAL B 44 19.89 -5.16 -23.19
C VAL B 44 19.74 -3.80 -22.49
N LYS B 45 20.41 -2.79 -23.03
CA LYS B 45 20.33 -1.43 -22.53
C LYS B 45 18.89 -0.95 -22.53
N ASP B 46 18.17 -1.24 -23.62
CA ASP B 46 16.75 -0.88 -23.71
C ASP B 46 15.90 -1.62 -22.69
N PHE B 47 16.03 -2.95 -22.69
CA PHE B 47 15.32 -3.79 -21.77
C PHE B 47 15.46 -3.26 -20.34
N LEU B 48 16.67 -2.88 -19.95
CA LEU B 48 16.91 -2.43 -18.58
C LEU B 48 16.21 -1.10 -18.28
N LYS B 49 16.09 -0.23 -19.29
CA LYS B 49 15.33 0.99 -19.13
C LYS B 49 13.85 0.65 -18.98
N ILE B 50 13.37 -0.31 -19.77
CA ILE B 50 11.97 -0.71 -19.74
C ILE B 50 11.64 -1.41 -18.42
N PHE B 51 12.51 -2.31 -17.99
CA PHE B 51 12.30 -3.05 -16.76
C PHE B 51 12.30 -2.09 -15.60
N THR B 52 13.28 -1.18 -15.59
CA THR B 52 13.40 -0.20 -14.50
C THR B 52 12.13 0.65 -14.43
N PHE B 53 11.58 1.01 -15.58
CA PHE B 53 10.39 1.83 -15.59
C PHE B 53 9.23 1.06 -14.94
N LEU B 54 8.99 -0.16 -15.43
CA LEU B 54 7.88 -0.98 -14.95
C LEU B 54 7.99 -1.28 -13.47
N TYR B 55 9.17 -1.65 -13.01
CA TYR B 55 9.36 -2.04 -11.65
C TYR B 55 9.20 -0.83 -10.73
N GLY B 56 9.46 0.35 -11.27
CA GLY B 56 9.32 1.60 -10.49
C GLY B 56 7.90 1.89 -10.08
N PHE B 57 6.93 1.28 -10.77
CA PHE B 57 5.55 1.35 -10.36
C PHE B 57 5.34 0.58 -9.07
N LEU B 58 6.26 -0.31 -8.72
CA LEU B 58 6.10 -1.08 -7.51
C LEU B 58 7.06 -0.57 -6.47
N CYS B 59 8.27 -0.24 -6.90
CA CYS B 59 9.25 0.36 -6.02
C CYS B 59 9.57 1.75 -6.53
N PRO B 60 8.84 2.76 -6.01
CA PRO B 60 9.00 4.13 -6.41
C PRO B 60 10.45 4.56 -6.38
N SER B 61 10.86 5.28 -7.42
CA SER B 61 12.19 5.88 -7.48
C SER B 61 13.29 4.80 -7.50
N TYR B 62 12.96 3.62 -8.02
CA TYR B 62 13.92 2.52 -8.07
C TYR B 62 14.95 2.60 -9.21
N GLU B 63 16.20 2.34 -8.87
CA GLU B 63 17.18 2.16 -9.92
C GLU B 63 17.87 0.83 -9.66
N LEU B 64 18.18 0.10 -10.70
CA LEU B 64 18.88 -1.15 -10.50
C LEU B 64 20.34 -0.85 -10.18
N PRO B 65 20.92 -1.59 -9.22
CA PRO B 65 22.35 -1.45 -8.86
C PRO B 65 23.23 -1.48 -10.11
N ASP B 66 24.33 -0.72 -10.09
CA ASP B 66 25.16 -0.49 -11.30
C ASP B 66 25.86 -1.73 -11.91
N THR B 67 26.00 -2.81 -11.13
CA THR B 67 26.49 -4.09 -11.69
C THR B 67 25.63 -5.27 -11.25
N LYS B 68 25.78 -6.38 -11.97
CA LYS B 68 25.12 -7.67 -11.70
C LYS B 68 23.62 -7.65 -11.96
N PHE B 69 23.24 -7.18 -13.14
CA PHE B 69 21.84 -7.13 -13.48
C PHE B 69 21.34 -8.54 -13.79
N GLU B 70 22.24 -9.37 -14.31
CA GLU B 70 21.91 -10.74 -14.75
C GLU B 70 21.50 -11.59 -13.57
N GLU B 71 21.93 -11.16 -12.39
CA GLU B 71 21.55 -11.79 -11.15
C GLU B 71 20.30 -11.12 -10.60
N GLU B 72 20.30 -9.79 -10.57
CA GLU B 72 19.21 -8.98 -10.00
C GLU B 72 17.82 -9.13 -10.65
N VAL B 73 17.74 -8.90 -11.96
CA VAL B 73 16.45 -8.99 -12.64
C VAL B 73 15.78 -10.35 -12.36
N PRO B 74 16.51 -11.48 -12.57
CA PRO B 74 15.86 -12.75 -12.23
C PRO B 74 15.46 -12.84 -10.77
N ARG B 75 16.30 -12.37 -9.86
CA ARG B 75 15.97 -12.42 -8.44
C ARG B 75 14.64 -11.69 -8.17
N ILE B 76 14.48 -10.51 -8.76
CA ILE B 76 13.27 -9.73 -8.57
C ILE B 76 12.02 -10.46 -9.09
N PHE B 77 12.12 -11.05 -10.28
CA PHE B 77 10.98 -11.81 -10.78
C PHE B 77 10.66 -12.97 -9.82
N LYS B 78 11.68 -13.59 -9.26
CA LYS B 78 11.46 -14.66 -8.32
C LYS B 78 10.72 -14.13 -7.08
N ASP B 79 11.26 -13.07 -6.46
CA ASP B 79 10.69 -12.48 -5.24
C ASP B 79 9.27 -11.88 -5.43
N LEU B 80 8.87 -11.68 -6.69
CA LEU B 80 7.55 -11.16 -6.99
C LEU B 80 6.58 -12.32 -7.20
N GLY B 81 7.11 -13.53 -7.23
CA GLY B 81 6.25 -14.69 -7.40
C GLY B 81 6.03 -15.14 -8.84
N TYR B 82 6.97 -14.81 -9.72
CA TYR B 82 6.88 -15.24 -11.10
C TYR B 82 7.11 -16.76 -11.14
N PRO B 83 6.13 -17.50 -11.66
CA PRO B 83 6.22 -18.96 -11.61
C PRO B 83 7.35 -19.60 -12.42
N PHE B 84 8.01 -18.83 -13.29
CA PHE B 84 9.00 -19.42 -14.20
C PHE B 84 10.36 -18.80 -14.06
N ALA B 85 11.39 -19.63 -13.92
CA ALA B 85 12.76 -19.18 -13.72
C ALA B 85 13.27 -18.51 -14.97
N LEU B 86 13.98 -17.40 -14.78
CA LEU B 86 14.60 -16.69 -15.86
C LEU B 86 16.09 -16.93 -15.69
N SER B 87 16.72 -17.50 -16.69
CA SER B 87 18.13 -17.85 -16.56
C SER B 87 19.05 -16.63 -16.67
N LYS B 88 20.21 -16.73 -16.01
CA LYS B 88 21.29 -15.76 -16.08
C LYS B 88 21.61 -15.46 -17.55
N SER B 89 21.72 -16.50 -18.38
CA SER B 89 22.08 -16.24 -19.78
C SER B 89 20.93 -15.59 -20.58
N SER B 90 19.67 -15.80 -20.19
CA SER B 90 18.56 -15.05 -20.81
C SER B 90 18.87 -13.57 -20.77
N MET B 91 19.35 -13.13 -19.61
CA MET B 91 19.56 -11.72 -19.31
C MET B 91 20.56 -11.02 -20.21
N TYR B 92 21.53 -11.77 -20.73
CA TYR B 92 22.56 -11.22 -21.61
C TYR B 92 22.08 -11.12 -23.04
N THR B 93 21.01 -11.85 -23.34
CA THR B 93 20.56 -11.97 -24.72
C THR B 93 19.05 -11.75 -24.83
N VAL B 94 18.51 -10.97 -23.91
CA VAL B 94 17.05 -10.75 -23.84
C VAL B 94 16.36 -10.56 -25.21
N GLY B 95 16.99 -9.81 -26.11
CA GLY B 95 16.36 -9.50 -27.37
C GLY B 95 16.47 -10.56 -28.45
N ALA B 96 17.22 -11.63 -28.18
CA ALA B 96 17.53 -12.70 -29.16
C ALA B 96 16.30 -13.51 -29.60
N PRO B 97 16.34 -14.11 -30.81
CA PRO B 97 15.12 -14.71 -31.38
C PRO B 97 14.38 -15.72 -30.49
N HIS B 98 15.11 -16.63 -29.87
CA HIS B 98 14.44 -17.64 -29.04
C HIS B 98 14.34 -17.20 -27.58
N THR B 99 14.67 -15.96 -27.28
CA THR B 99 14.69 -15.49 -25.89
C THR B 99 13.61 -14.44 -25.61
N TRP B 100 13.48 -13.48 -26.51
CA TRP B 100 12.53 -12.40 -26.33
C TRP B 100 11.10 -12.92 -26.04
N PRO B 101 10.64 -13.98 -26.76
CA PRO B 101 9.30 -14.46 -26.38
C PRO B 101 9.13 -14.71 -24.87
N HIS B 102 10.10 -15.36 -24.21
CA HIS B 102 10.02 -15.57 -22.73
C HIS B 102 10.09 -14.26 -21.92
N ILE B 103 10.94 -13.34 -22.37
CA ILE B 103 11.15 -12.12 -21.63
C ILE B 103 9.97 -11.16 -21.75
N VAL B 104 9.43 -10.99 -22.97
CA VAL B 104 8.30 -10.07 -23.18
C VAL B 104 7.10 -10.58 -22.40
N ALA B 105 6.99 -11.90 -22.38
CA ALA B 105 5.97 -12.57 -21.61
C ALA B 105 6.18 -12.18 -20.15
N ALA B 106 7.41 -12.23 -19.66
CA ALA B 106 7.65 -11.90 -18.25
C ALA B 106 7.29 -10.43 -17.96
N LEU B 107 7.65 -9.52 -18.88
CA LEU B 107 7.36 -8.09 -18.69
C LEU B 107 5.85 -7.81 -18.60
N VAL B 108 5.10 -8.46 -19.48
CA VAL B 108 3.64 -8.34 -19.50
C VAL B 108 3.02 -8.91 -18.23
N TRP B 109 3.62 -9.98 -17.70
CA TRP B 109 3.18 -10.52 -16.40
C TRP B 109 3.44 -9.48 -15.29
N LEU B 110 4.60 -8.82 -15.34
CA LEU B 110 4.91 -7.76 -14.41
C LEU B 110 3.86 -6.64 -14.50
N ILE B 111 3.56 -6.20 -15.72
CA ILE B 111 2.51 -5.22 -15.96
C ILE B 111 1.20 -5.65 -15.30
N ASP B 112 0.91 -6.95 -15.35
CA ASP B 112 -0.29 -7.46 -14.71
C ASP B 112 -0.20 -7.31 -13.18
N CYS B 113 0.97 -7.53 -12.60
CA CYS B 113 1.18 -7.26 -11.17
C CYS B 113 0.83 -5.81 -10.87
N ILE B 114 1.41 -4.88 -11.62
CA ILE B 114 1.10 -3.46 -11.46
C ILE B 114 -0.42 -3.21 -11.44
N LYS B 115 -1.13 -3.83 -12.39
CA LYS B 115 -2.57 -3.70 -12.44
C LYS B 115 -3.19 -4.20 -11.13
N ILE B 116 -2.83 -5.41 -10.72
CA ILE B 116 -3.34 -5.99 -9.47
C ILE B 116 -3.05 -5.06 -8.29
N HIS B 117 -1.80 -4.61 -8.20
CA HIS B 117 -1.39 -3.76 -7.09
C HIS B 117 -2.08 -2.38 -7.09
N THR B 118 -2.39 -1.85 -8.26
CA THR B 118 -3.05 -0.55 -8.37
C THR B 118 -4.53 -0.67 -7.93
N ALA B 119 -5.18 -1.74 -8.32
CA ALA B 119 -6.56 -2.02 -7.92
C ALA B 119 -6.63 -2.22 -6.41
N MET B 120 -5.62 -2.89 -5.87
CA MET B 120 -5.51 -3.16 -4.44
C MET B 120 -5.48 -1.87 -3.62
N LYS B 121 -5.01 -0.78 -4.23
CA LYS B 121 -5.00 0.51 -3.55
C LYS B 121 -6.38 1.19 -3.60
N GLU B 122 -7.42 0.39 -3.85
CA GLU B 122 -8.80 0.81 -3.69
C GLU B 122 -9.47 -0.15 -2.71
N SER B 123 -9.91 -1.31 -3.19
CA SER B 123 -10.59 -2.27 -2.33
C SER B 123 -10.27 -3.74 -2.61
N SER B 124 -10.02 -4.48 -1.51
CA SER B 124 -9.88 -5.95 -1.52
C SER B 124 -9.89 -6.49 -0.10
N TRP B 133 -13.27 -10.03 7.04
CA TRP B 133 -12.90 -9.47 8.34
C TRP B 133 -12.51 -10.58 9.32
N GLY B 134 -11.82 -10.19 10.39
CA GLY B 134 -11.43 -11.11 11.46
C GLY B 134 -12.01 -10.67 12.79
N GLU B 135 -13.13 -11.29 13.17
CA GLU B 135 -13.85 -10.92 14.40
C GLU B 135 -13.32 -11.62 15.66
N GLU B 136 -12.57 -12.70 15.49
CA GLU B 136 -11.99 -13.42 16.63
C GLU B 136 -10.53 -13.87 16.37
N THR B 137 -9.70 -13.62 17.37
CA THR B 137 -8.28 -13.92 17.32
C THR B 137 -8.00 -15.35 17.78
N GLU B 138 -6.92 -15.92 17.26
CA GLU B 138 -6.54 -17.29 17.58
C GLU B 138 -5.76 -17.42 18.90
N ASP B 139 -5.79 -16.37 19.71
CA ASP B 139 -5.27 -16.45 21.09
C ASP B 139 -6.38 -16.07 22.08
N GLY B 140 -7.61 -16.39 21.70
CA GLY B 140 -8.77 -16.30 22.59
C GLY B 140 -9.55 -15.01 22.68
N ILE B 141 -9.37 -14.10 21.73
CA ILE B 141 -10.10 -12.84 21.77
C ILE B 141 -11.41 -12.95 21.00
N MET B 142 -12.46 -12.48 21.65
CA MET B 142 -13.78 -12.42 21.05
C MET B 142 -14.11 -10.95 20.85
N HIS B 143 -14.67 -10.61 19.69
CA HIS B 143 -14.99 -9.22 19.32
C HIS B 143 -13.70 -8.43 19.15
N ASN B 144 -12.82 -8.98 18.30
CA ASN B 144 -11.49 -8.44 18.03
C ASN B 144 -11.49 -7.01 17.50
N LYS B 145 -12.53 -6.69 16.73
CA LYS B 145 -12.69 -5.34 16.18
C LYS B 145 -12.89 -4.33 17.33
N LEU B 146 -13.48 -4.78 18.43
CA LEU B 146 -13.66 -3.95 19.60
C LEU B 146 -12.36 -3.87 20.44
N PHE B 147 -11.66 -5.00 20.53
CA PHE B 147 -10.40 -5.09 21.26
C PHE B 147 -9.31 -4.26 20.62
N LEU B 148 -9.17 -4.41 19.30
CA LEU B 148 -8.18 -3.65 18.54
C LEU B 148 -8.40 -2.15 18.69
N ASP B 149 -9.66 -1.72 18.64
CA ASP B 149 -9.97 -0.31 18.83
C ASP B 149 -9.51 0.13 20.21
N TYR B 150 -9.89 -0.64 21.21
CA TYR B 150 -9.45 -0.42 22.58
C TYR B 150 -7.91 -0.40 22.69
N THR B 151 -7.27 -1.47 22.23
CA THR B 151 -5.81 -1.61 22.29
C THR B 151 -5.09 -0.46 21.58
N ILE B 152 -5.52 -0.11 20.38
CA ILE B 152 -4.88 0.98 19.64
C ILE B 152 -4.97 2.25 20.46
N LYS B 153 -6.18 2.55 20.95
CA LYS B 153 -6.40 3.78 21.73
C LYS B 153 -5.51 3.86 22.97
N CYS B 154 -5.41 2.75 23.72
CA CYS B 154 -4.51 2.64 24.85
C CYS B 154 -3.05 2.89 24.44
N TYR B 155 -2.67 2.40 23.27
CA TYR B 155 -1.29 2.54 22.82
C TYR B 155 -0.92 4.00 22.59
N GLU B 156 -1.82 4.77 21.94
CA GLU B 156 -1.59 6.19 21.68
C GLU B 156 -1.38 6.93 22.98
N SER B 157 -2.24 6.64 23.97
CA SER B 157 -2.13 7.23 25.29
C SER B 157 -0.81 6.88 25.95
N PHE B 158 -0.50 5.59 25.95
CA PHE B 158 0.73 5.07 26.51
C PHE B 158 1.91 5.76 25.87
N MET B 159 1.85 5.88 24.56
CA MET B 159 2.93 6.44 23.78
C MET B 159 3.01 7.94 24.02
N SER B 160 2.07 8.48 24.80
CA SER B 160 2.05 9.89 25.15
C SER B 160 2.47 10.09 26.59
N GLY B 161 2.85 9.01 27.25
CA GLY B 161 3.31 9.07 28.63
C GLY B 161 2.27 8.73 29.67
N ALA B 162 1.04 8.49 29.22
CA ALA B 162 -0.06 8.11 30.12
C ALA B 162 0.29 6.89 30.94
N ASP B 163 -0.16 6.89 32.20
CA ASP B 163 0.14 5.80 33.11
C ASP B 163 -1.09 4.89 33.34
N SER B 164 -2.27 5.51 33.33
CA SER B 164 -3.54 4.81 33.47
C SER B 164 -4.37 4.95 32.20
N PHE B 165 -5.45 4.16 32.12
CA PHE B 165 -6.28 4.11 30.92
C PHE B 165 -7.78 4.15 31.24
N ASP B 166 -8.18 5.15 32.04
CA ASP B 166 -9.58 5.34 32.46
C ASP B 166 -10.48 5.74 31.30
N GLU B 167 -10.02 6.71 30.51
CA GLU B 167 -10.79 7.12 29.34
C GLU B 167 -11.12 5.91 28.47
N MET B 168 -10.10 5.11 28.18
CA MET B 168 -10.24 3.95 27.30
C MET B 168 -11.07 2.85 27.95
N ASN B 169 -10.84 2.62 29.24
CA ASN B 169 -11.62 1.62 29.98
C ASN B 169 -13.09 2.01 30.07
N ALA B 170 -13.33 3.29 30.35
CA ALA B 170 -14.68 3.80 30.44
C ALA B 170 -15.40 3.59 29.12
N GLU B 171 -14.75 3.97 28.02
CA GLU B 171 -15.35 3.81 26.70
C GLU B 171 -15.58 2.32 26.39
N LEU B 172 -14.67 1.46 26.85
CA LEU B 172 -14.83 0.02 26.61
C LEU B 172 -16.05 -0.54 27.33
N GLN B 173 -16.32 -0.04 28.53
CA GLN B 173 -17.47 -0.48 29.34
C GLN B 173 -18.80 0.01 28.76
N SER B 174 -18.80 1.21 28.17
CA SER B 174 -19.98 1.73 27.49
C SER B 174 -20.45 0.76 26.41
N LYS B 175 -19.48 0.33 25.61
CA LYS B 175 -19.75 -0.54 24.48
C LYS B 175 -20.08 -1.97 24.91
N LEU B 176 -19.56 -2.39 26.06
CA LEU B 176 -19.84 -3.72 26.59
C LEU B 176 -21.23 -3.82 27.24
N LYS B 177 -21.75 -2.68 27.70
CA LYS B 177 -23.12 -2.61 28.22
C LYS B 177 -24.12 -2.76 27.07
N ASP B 178 -23.79 -2.19 25.92
CA ASP B 178 -24.64 -2.29 24.74
C ASP B 178 -24.54 -3.64 24.06
N LEU B 179 -23.45 -4.37 24.28
CA LEU B 179 -23.28 -5.66 23.62
C LEU B 179 -24.04 -6.75 24.38
N PHE B 180 -24.21 -6.55 25.68
CA PHE B 180 -25.03 -7.44 26.50
C PHE B 180 -25.88 -6.57 27.42
N ASN B 181 -27.11 -6.26 27.03
CA ASN B 181 -27.96 -5.40 27.87
C ASN B 181 -27.79 -5.74 29.35
N VAL B 182 -26.91 -5.01 30.04
CA VAL B 182 -26.68 -5.24 31.48
C VAL B 182 -25.96 -4.07 32.17
N ASP B 183 -26.40 -3.76 33.39
CA ASP B 183 -25.78 -2.70 34.22
C ASP B 183 -26.02 -2.94 35.73
N ALA B 184 -26.63 -1.97 36.41
CA ALA B 184 -26.93 -2.08 37.84
C ALA B 184 -28.43 -2.02 38.12
N PHE B 185 -29.12 -1.03 37.56
CA PHE B 185 -30.58 -0.87 37.74
C PHE B 185 -31.37 -1.88 36.89
N LYS B 186 -30.65 -2.89 36.38
CA LYS B 186 -31.23 -3.96 35.57
C LYS B 186 -31.04 -5.28 36.30
N LEU B 187 -29.78 -5.58 36.65
CA LEU B 187 -29.40 -6.84 37.31
C LEU B 187 -29.84 -6.90 38.78
N GLU B 188 -30.11 -5.75 39.39
CA GLU B 188 -30.58 -5.76 40.78
C GLU B 188 -32.01 -5.26 40.98
N SER B 189 -32.56 -4.67 39.90
CA SER B 189 -33.97 -4.28 39.87
C SER B 189 -34.83 -5.54 39.75
N LEU B 190 -34.17 -6.62 39.37
CA LEU B 190 -34.79 -7.94 39.23
C LEU B 190 -34.45 -8.78 40.46
N GLU B 191 -33.45 -8.33 41.22
CA GLU B 191 -32.98 -9.02 42.43
C GLU B 191 -33.91 -8.81 43.63
N ALA B 192 -34.57 -7.65 43.67
CA ALA B 192 -35.52 -7.32 44.72
C ALA B 192 -36.96 -7.65 44.30
N LYS B 193 -37.12 -7.81 42.99
CA LYS B 193 -38.40 -8.17 42.37
C LYS B 193 -38.65 -9.67 42.54
N ASN B 194 -37.60 -10.48 42.36
CA ASN B 194 -37.63 -11.91 42.61
C ASN B 194 -37.72 -12.21 44.10
N ARG B 195 -37.20 -11.28 44.89
CA ARG B 195 -37.22 -11.42 46.34
C ARG B 195 -38.57 -10.96 46.89
N ALA B 196 -39.37 -10.30 46.05
CA ALA B 196 -40.69 -9.82 46.45
C ALA B 196 -41.73 -10.92 46.35
N LEU B 197 -41.70 -11.68 45.25
CA LEU B 197 -42.67 -12.76 45.09
C LEU B 197 -42.25 -14.07 45.78
N ASN B 198 -40.97 -14.19 46.13
CA ASN B 198 -40.50 -15.35 46.91
C ASN B 198 -40.91 -15.23 48.38
N GLU B 199 -41.03 -13.98 48.85
CA GLU B 199 -41.53 -13.70 50.19
C GLU B 199 -43.06 -13.74 50.19
N GLN B 200 -43.64 -13.86 48.99
CA GLN B 200 -45.07 -14.02 48.82
C GLN B 200 -45.39 -15.51 48.74
N ILE B 201 -44.53 -16.27 48.06
CA ILE B 201 -44.66 -17.74 48.00
C ILE B 201 -44.35 -18.35 49.38
N ALA B 202 -43.59 -17.62 50.19
CA ALA B 202 -43.32 -18.02 51.58
C ALA B 202 -44.52 -17.65 52.46
N ARG B 203 -45.19 -16.57 52.07
CA ARG B 203 -46.40 -16.08 52.74
C ARG B 203 -47.61 -16.93 52.40
N LEU B 204 -47.58 -17.55 51.22
CA LEU B 204 -48.68 -18.41 50.76
C LEU B 204 -48.46 -19.88 51.15
N GLU B 205 -47.19 -20.29 51.28
CA GLU B 205 -46.87 -21.63 51.75
C GLU B 205 -47.04 -21.72 53.27
N GLN B 206 -47.16 -20.55 53.91
CA GLN B 206 -47.40 -20.50 55.35
C GLN B 206 -48.85 -20.84 55.69
N GLU B 207 -49.76 -20.57 54.75
CA GLU B 207 -51.16 -20.95 54.90
C GLU B 207 -51.32 -22.45 54.71
N ARG B 208 -50.56 -23.01 53.77
CA ARG B 208 -50.58 -24.44 53.49
C ARG B 208 -50.03 -25.23 54.68
N SER B 209 -49.15 -24.62 55.45
CA SER B 209 -48.61 -25.26 56.64
C SER B 209 -49.56 -25.06 57.81
N THR B 210 -50.22 -23.89 57.84
CA THR B 210 -51.10 -23.51 58.95
C THR B 210 -52.48 -24.21 58.88
N ALA B 211 -53.02 -24.37 57.67
CA ALA B 211 -54.32 -25.02 57.49
C ALA B 211 -54.20 -26.54 57.58
N ASN B 212 -53.19 -27.10 56.91
CA ASN B 212 -52.97 -28.56 56.89
C ASN B 212 -52.67 -29.21 58.24
N LYS B 213 -52.30 -28.37 59.24
CA LYS B 213 -52.07 -28.87 60.60
C LYS B 213 -53.29 -28.64 61.48
N ALA B 214 -54.01 -27.54 61.23
CA ALA B 214 -55.24 -27.23 61.97
C ALA B 214 -56.35 -28.20 61.56
N ASN B 215 -56.33 -28.60 60.29
CA ASN B 215 -57.30 -29.53 59.73
C ASN B 215 -56.99 -31.00 60.06
N ALA B 216 -55.71 -31.37 59.99
CA ALA B 216 -55.28 -32.73 60.34
C ALA B 216 -55.59 -33.04 61.80
N GLU B 217 -55.53 -32.00 62.64
CA GLU B 217 -55.94 -32.10 64.04
C GLU B 217 -57.42 -32.39 64.10
N ARG B 218 -58.19 -31.67 63.29
CA ARG B 218 -59.64 -31.80 63.24
C ARG B 218 -60.08 -33.15 62.66
N LEU B 219 -59.36 -33.63 61.65
CA LEU B 219 -59.66 -34.90 61.00
C LEU B 219 -59.34 -36.08 61.91
N LYS B 220 -58.28 -35.97 62.71
CA LYS B 220 -57.90 -37.03 63.63
C LYS B 220 -58.80 -37.01 64.87
N ARG B 221 -59.44 -35.86 65.10
CA ARG B 221 -60.32 -35.66 66.25
C ARG B 221 -61.60 -36.45 66.05
N LEU B 222 -62.21 -36.33 64.88
CA LEU B 222 -63.39 -37.13 64.57
C LEU B 222 -63.02 -38.54 64.12
N GLN B 223 -61.74 -38.79 63.87
CA GLN B 223 -61.28 -40.14 63.57
C GLN B 223 -61.36 -40.95 64.85
N LYS B 224 -60.96 -40.32 65.96
CA LYS B 224 -60.99 -40.95 67.28
C LYS B 224 -62.39 -41.42 67.65
N SER B 225 -63.37 -40.53 67.53
CA SER B 225 -64.73 -40.88 67.93
C SER B 225 -65.47 -41.69 66.86
N ALA B 226 -64.87 -41.84 65.68
CA ALA B 226 -65.42 -42.73 64.66
C ALA B 226 -64.98 -44.15 64.99
N ASP B 227 -63.72 -44.28 65.41
CA ASP B 227 -63.18 -45.57 65.84
C ASP B 227 -63.88 -46.05 67.10
N LEU B 228 -64.39 -45.10 67.89
CA LEU B 228 -65.04 -45.41 69.14
C LEU B 228 -66.41 -46.04 68.86
N TYR B 229 -67.17 -45.41 67.96
CA TYR B 229 -68.43 -45.95 67.49
C TYR B 229 -68.22 -47.30 66.82
N LYS B 230 -67.20 -47.40 65.97
CA LYS B 230 -66.88 -48.65 65.29
C LYS B 230 -66.61 -49.78 66.26
N ASP B 231 -65.94 -49.46 67.37
CA ASP B 231 -65.65 -50.47 68.38
C ASP B 231 -66.85 -50.83 69.22
N ARG B 232 -67.50 -49.83 69.80
CA ARG B 232 -68.60 -50.09 70.70
C ARG B 232 -69.83 -50.68 69.98
N LEU B 233 -70.25 -50.09 68.87
CA LEU B 233 -71.39 -50.63 68.14
C LEU B 233 -71.05 -51.86 67.30
N GLY B 234 -69.75 -52.09 67.09
CA GLY B 234 -69.30 -53.13 66.18
C GLY B 234 -69.80 -52.82 64.78
N LEU B 235 -69.76 -51.54 64.40
CA LEU B 235 -70.27 -51.10 63.10
C LEU B 235 -69.35 -50.08 62.42
N GLU B 236 -68.82 -50.48 61.27
CA GLU B 236 -67.95 -49.62 60.49
C GLU B 236 -68.74 -48.99 59.34
N ILE B 237 -68.70 -47.66 59.26
CA ILE B 237 -69.33 -46.97 58.13
C ILE B 237 -68.31 -46.15 57.31
N ARG B 238 -67.95 -46.71 56.16
CA ARG B 238 -66.99 -46.06 55.25
C ARG B 238 -67.69 -45.38 54.08
N LYS B 239 -67.51 -44.07 53.97
CA LYS B 239 -68.07 -43.24 52.90
C LYS B 239 -67.10 -43.19 51.74
N ILE B 240 -66.24 -44.23 51.61
CA ILE B 240 -65.21 -44.12 50.58
C ILE B 240 -65.62 -44.47 49.14
N TYR B 241 -65.68 -43.38 48.31
CA TYR B 241 -65.65 -43.42 46.79
C TYR B 241 -67.04 -43.03 46.22
N GLY B 242 -67.02 -41.97 45.38
CA GLY B 242 -68.23 -41.31 44.83
C GLY B 242 -69.48 -42.13 44.56
N GLU B 243 -69.29 -43.42 44.27
CA GLU B 243 -70.39 -44.32 43.96
C GLU B 243 -71.34 -44.56 45.16
N LYS B 244 -70.85 -45.25 46.19
CA LYS B 244 -71.71 -45.72 47.28
C LYS B 244 -71.16 -45.53 48.70
N LEU B 245 -72.02 -45.82 49.68
CA LEU B 245 -71.67 -45.91 51.09
C LEU B 245 -71.52 -47.38 51.49
N GLN B 246 -70.85 -47.62 52.61
CA GLN B 246 -70.67 -48.98 53.12
C GLN B 246 -70.83 -49.11 54.62
N PHE B 247 -71.64 -50.09 55.01
CA PHE B 247 -71.90 -50.39 56.41
C PHE B 247 -71.45 -51.81 56.68
N ILE B 248 -70.53 -51.96 57.63
CA ILE B 248 -70.01 -53.28 57.99
C ILE B 248 -70.19 -53.63 59.48
N PHE B 249 -71.09 -54.58 59.75
CA PHE B 249 -71.29 -55.10 61.10
C PHE B 249 -70.25 -56.16 61.41
N THR B 250 -69.84 -56.22 62.67
CA THR B 250 -68.77 -57.17 63.05
C THR B 250 -69.14 -58.07 64.23
N ASN B 251 -69.85 -57.55 65.23
CA ASN B 251 -70.16 -58.41 66.38
C ASN B 251 -71.45 -59.24 66.21
N ILE B 252 -71.50 -60.04 65.16
CA ILE B 252 -72.72 -60.78 64.82
C ILE B 252 -72.64 -62.28 65.15
N ASP B 253 -71.67 -62.99 64.58
CA ASP B 253 -71.51 -64.41 64.88
C ASP B 253 -70.99 -64.55 66.31
N PRO B 254 -71.84 -65.05 67.23
CA PRO B 254 -71.43 -65.23 68.63
C PRO B 254 -70.22 -66.16 68.76
N LYS B 255 -70.05 -67.02 67.76
CA LYS B 255 -68.93 -67.97 67.71
C LYS B 255 -67.71 -67.31 67.07
N ASN B 256 -67.95 -66.27 66.26
CA ASN B 256 -66.90 -65.63 65.45
C ASN B 256 -67.13 -64.12 65.26
N PRO B 257 -66.59 -63.30 66.17
CA PRO B 257 -66.88 -61.86 66.16
C PRO B 257 -66.14 -61.09 65.08
N GLU B 258 -65.34 -61.77 64.28
CA GLU B 258 -64.51 -61.09 63.30
C GLU B 258 -65.20 -60.90 61.97
N SER B 259 -65.92 -61.93 61.53
CA SER B 259 -66.53 -61.94 60.19
C SER B 259 -67.48 -60.76 59.95
N PRO B 260 -67.33 -60.11 58.79
CA PRO B 260 -68.14 -58.94 58.46
C PRO B 260 -69.51 -59.28 57.88
N PHE B 261 -70.48 -58.45 58.24
CA PHE B 261 -71.81 -58.49 57.64
C PHE B 261 -71.99 -57.10 57.05
N MET B 262 -72.07 -57.04 55.72
CA MET B 262 -72.02 -55.76 55.02
C MET B 262 -73.05 -55.58 53.91
N PHE B 263 -73.61 -54.38 53.85
CA PHE B 263 -74.46 -54.01 52.73
C PHE B 263 -73.99 -52.65 52.25
N SER B 264 -74.18 -52.40 50.97
CA SER B 264 -73.83 -51.11 50.38
C SER B 264 -75.09 -50.43 49.91
N LEU B 265 -75.08 -49.10 49.92
CA LEU B 265 -76.22 -48.35 49.40
C LEU B 265 -75.77 -47.02 48.77
N HIS B 266 -76.51 -46.56 47.77
CA HIS B 266 -76.22 -45.31 47.07
C HIS B 266 -77.47 -44.54 46.64
N LEU B 267 -77.24 -43.40 46.00
CA LEU B 267 -78.32 -42.55 45.50
C LEU B 267 -77.91 -41.88 44.19
N ASN B 268 -78.88 -41.20 43.57
CA ASN B 268 -78.61 -40.38 42.38
C ASN B 268 -79.55 -39.16 42.37
N GLU B 269 -80.86 -39.44 42.52
CA GLU B 269 -81.89 -38.41 42.69
C GLU B 269 -82.70 -38.76 43.95
N ALA B 270 -83.25 -39.99 43.97
CA ALA B 270 -83.87 -40.52 45.19
C ALA B 270 -82.73 -40.99 46.07
N ARG B 271 -82.79 -40.67 47.38
CA ARG B 271 -81.63 -40.92 48.26
C ARG B 271 -81.32 -42.39 48.61
N ASP B 272 -82.19 -43.33 48.24
CA ASP B 272 -81.93 -44.72 48.63
C ASP B 272 -82.08 -45.86 47.59
N TYR B 273 -80.92 -46.34 47.12
CA TYR B 273 -80.87 -47.64 46.43
C TYR B 273 -79.85 -48.43 47.22
N GLU B 274 -80.11 -49.71 47.46
CA GLU B 274 -79.09 -50.57 48.04
C GLU B 274 -78.40 -51.26 46.86
N VAL B 275 -77.27 -51.94 47.10
CA VAL B 275 -76.54 -52.58 45.99
C VAL B 275 -75.86 -53.93 46.37
N SER B 276 -74.79 -53.87 47.16
CA SER B 276 -74.12 -55.10 47.63
C SER B 276 -74.93 -55.64 48.82
N ASP B 277 -74.82 -56.94 49.10
CA ASP B 277 -75.68 -57.52 50.13
C ASP B 277 -75.02 -58.37 51.23
N SER B 278 -74.15 -59.32 50.87
CA SER B 278 -73.56 -60.26 51.85
C SER B 278 -74.64 -61.02 52.66
N ALA B 279 -75.56 -61.64 51.91
CA ALA B 279 -76.70 -62.41 52.44
C ALA B 279 -77.88 -61.51 52.79
N GLY B 284 -82.61 -60.01 51.97
CA GLY B 284 -83.56 -59.47 50.90
C GLY B 284 -84.13 -58.14 51.34
N LEU B 285 -83.29 -57.10 51.39
CA LEU B 285 -83.74 -55.77 51.80
C LEU B 285 -84.37 -54.90 50.68
N ALA B 286 -85.30 -55.52 49.95
CA ALA B 286 -86.14 -54.77 49.02
C ALA B 286 -87.20 -54.18 49.92
N GLU B 287 -87.43 -54.91 51.02
CA GLU B 287 -88.30 -54.49 52.09
C GLU B 287 -87.73 -53.25 52.77
N PHE B 288 -86.77 -53.47 53.67
CA PHE B 288 -86.23 -52.39 54.51
C PHE B 288 -85.88 -51.11 53.76
N GLN B 289 -85.46 -51.21 52.50
CA GLN B 289 -85.10 -50.02 51.74
C GLN B 289 -86.30 -49.10 51.51
N GLU B 290 -87.48 -49.70 51.38
CA GLU B 290 -88.74 -48.98 51.20
C GLU B 290 -89.14 -48.25 52.50
N ASN B 291 -88.60 -48.75 53.62
CA ASN B 291 -88.86 -48.18 54.94
C ASN B 291 -88.08 -46.88 55.15
N VAL B 292 -86.90 -46.81 54.54
CA VAL B 292 -86.05 -45.62 54.63
C VAL B 292 -86.59 -44.57 53.69
N ARG B 293 -87.13 -45.01 52.55
CA ARG B 293 -87.73 -44.09 51.60
C ARG B 293 -88.88 -43.36 52.27
N LYS B 294 -89.66 -44.10 53.06
CA LYS B 294 -90.83 -43.54 53.73
C LYS B 294 -90.47 -42.66 54.94
N THR B 295 -89.34 -42.94 55.60
CA THR B 295 -88.89 -42.13 56.75
C THR B 295 -87.38 -42.12 56.86
N ASN B 296 -86.80 -40.95 57.09
CA ASN B 296 -85.35 -40.85 57.31
C ASN B 296 -84.90 -41.39 58.67
N ASN B 297 -85.47 -42.53 59.05
CA ASN B 297 -85.10 -43.13 60.30
C ASN B 297 -83.95 -44.11 60.08
N PHE B 298 -82.74 -43.56 60.00
CA PHE B 298 -81.55 -44.39 59.83
C PHE B 298 -81.33 -45.32 61.01
N SER B 299 -81.72 -44.86 62.20
CA SER B 299 -81.69 -45.69 63.40
C SER B 299 -82.40 -46.99 63.15
N ALA B 300 -83.73 -46.92 63.00
CA ALA B 300 -84.55 -48.10 62.81
C ALA B 300 -84.03 -48.93 61.65
N PHE B 301 -83.56 -48.26 60.60
CA PHE B 301 -83.04 -48.97 59.42
C PHE B 301 -81.89 -49.91 59.78
N LEU B 302 -80.77 -49.37 60.24
CA LEU B 302 -79.65 -50.21 60.64
C LEU B 302 -80.00 -51.11 61.80
N ALA B 303 -80.78 -50.61 62.76
CA ALA B 303 -81.17 -51.41 63.89
C ALA B 303 -81.83 -52.67 63.36
N ASN B 304 -82.82 -52.51 62.49
CA ASN B 304 -83.51 -53.65 61.93
C ASN B 304 -82.55 -54.48 61.07
N VAL B 305 -81.72 -53.82 60.27
CA VAL B 305 -80.74 -54.52 59.44
C VAL B 305 -79.89 -55.47 60.28
N ARG B 306 -79.42 -54.99 61.43
CA ARG B 306 -78.58 -55.78 62.33
C ARG B 306 -79.29 -57.06 62.77
N LYS B 307 -80.54 -56.93 63.22
CA LYS B 307 -81.31 -58.10 63.62
C LYS B 307 -81.45 -59.07 62.46
N ALA B 308 -81.70 -58.55 61.26
CA ALA B 308 -81.86 -59.39 60.06
C ALA B 308 -80.57 -60.16 59.85
N PHE B 309 -79.44 -59.45 59.90
CA PHE B 309 -78.12 -60.07 59.77
C PHE B 309 -77.91 -61.15 60.83
N THR B 310 -78.30 -60.83 62.06
CA THR B 310 -78.19 -61.74 63.17
C THR B 310 -79.01 -63.01 62.93
N ALA B 311 -80.19 -62.83 62.34
CA ALA B 311 -81.05 -63.95 62.01
C ALA B 311 -80.39 -64.81 60.95
N THR B 312 -79.73 -64.14 60.00
CA THR B 312 -79.11 -64.79 58.83
C THR B 312 -78.35 -66.07 59.18
N VAL B 313 -77.32 -65.98 60.02
CA VAL B 313 -76.61 -67.22 60.37
C VAL B 313 -77.15 -67.73 61.72
N TYR B 314 -78.45 -68.04 61.64
CA TYR B 314 -79.29 -68.76 62.65
C TYR B 314 -78.93 -68.71 64.16
N GLN B 315 -78.29 -67.63 64.58
CA GLN B 315 -77.94 -67.36 66.00
C GLN B 315 -77.42 -68.55 66.83
N LEU C 9 -1.43 16.31 -46.48
CA LEU C 9 -0.19 16.23 -47.33
C LEU C 9 0.54 14.87 -47.26
N SER C 10 0.68 14.20 -48.43
CA SER C 10 1.82 13.23 -48.48
C SER C 10 2.85 14.05 -49.28
N PHE C 11 4.12 13.66 -49.28
CA PHE C 11 5.11 14.39 -50.07
C PHE C 11 4.95 14.16 -51.58
N PRO C 12 5.43 15.11 -52.42
CA PRO C 12 5.42 14.95 -53.88
C PRO C 12 6.16 13.70 -54.35
N ARG C 13 5.68 13.07 -55.41
CA ARG C 13 6.31 11.84 -55.89
C ARG C 13 6.98 12.03 -57.25
N TYR C 14 8.29 12.13 -57.22
CA TYR C 14 9.06 12.32 -58.43
C TYR C 14 9.13 11.06 -59.28
N ASN C 15 9.24 11.23 -60.59
CA ASN C 15 9.50 10.07 -61.43
C ASN C 15 11.02 9.83 -61.41
N VAL C 16 11.42 8.59 -61.65
CA VAL C 16 12.83 8.18 -61.64
C VAL C 16 13.74 9.21 -62.28
N ALA C 17 13.36 9.66 -63.48
CA ALA C 17 14.14 10.62 -64.23
C ALA C 17 14.42 11.87 -63.41
N GLU C 18 13.38 12.42 -62.77
CA GLU C 18 13.53 13.60 -61.91
C GLU C 18 14.29 13.29 -60.63
N ILE C 19 14.18 12.05 -60.15
CA ILE C 19 14.88 11.63 -58.93
C ILE C 19 16.38 11.67 -59.13
N VAL C 20 16.85 11.33 -60.33
CA VAL C 20 18.28 11.36 -60.62
C VAL C 20 18.81 12.79 -60.55
N ILE C 21 18.08 13.72 -61.19
CA ILE C 21 18.43 15.14 -61.16
C ILE C 21 18.49 15.71 -59.74
N HIS C 22 17.50 15.41 -58.90
CA HIS C 22 17.49 15.95 -57.54
C HIS C 22 18.63 15.38 -56.69
N ILE C 23 18.87 14.07 -56.85
CA ILE C 23 19.97 13.40 -56.17
C ILE C 23 21.32 14.01 -56.62
N ARG C 24 21.50 14.19 -57.93
CA ARG C 24 22.69 14.86 -58.41
C ARG C 24 22.85 16.24 -57.82
N ASN C 25 21.77 17.00 -57.81
CA ASN C 25 21.81 18.34 -57.29
C ASN C 25 22.11 18.41 -55.80
N LYS C 26 21.49 17.54 -55.01
CA LYS C 26 21.46 17.70 -53.57
C LYS C 26 22.21 16.65 -52.74
N ILE C 27 22.47 15.47 -53.31
CA ILE C 27 22.97 14.38 -52.49
C ILE C 27 24.29 13.80 -52.96
N LEU C 28 24.33 13.38 -54.22
CA LEU C 28 25.55 12.83 -54.75
C LEU C 28 26.36 13.94 -55.39
N THR C 29 27.65 13.92 -55.09
CA THR C 29 28.58 14.95 -55.51
C THR C 29 29.57 14.43 -56.54
N GLY C 30 30.00 15.33 -57.42
CA GLY C 30 30.99 15.02 -58.45
C GLY C 30 30.77 13.69 -59.12
N ALA C 31 31.84 12.91 -59.26
CA ALA C 31 31.82 11.65 -60.02
C ALA C 31 30.64 10.74 -59.67
N ASP C 32 30.27 10.72 -58.39
CA ASP C 32 29.16 9.91 -57.91
C ASP C 32 27.82 10.35 -58.51
N GLY C 33 27.65 11.67 -58.64
CA GLY C 33 26.47 12.26 -59.26
C GLY C 33 26.47 12.01 -60.76
N LYS C 34 27.62 12.25 -61.39
CA LYS C 34 27.74 12.03 -62.83
C LYS C 34 27.38 10.61 -63.26
N ASN C 35 27.83 9.62 -62.49
CA ASN C 35 27.59 8.21 -62.81
C ASN C 35 26.17 7.71 -62.63
N LEU C 36 25.34 8.46 -61.90
CA LEU C 36 23.99 8.03 -61.60
C LEU C 36 23.10 8.08 -62.84
N THR C 37 22.36 7.01 -63.09
CA THR C 37 21.43 6.94 -64.22
C THR C 37 20.13 6.30 -63.76
N LYS C 38 19.06 6.41 -64.56
CA LYS C 38 17.80 5.75 -64.24
C LYS C 38 18.01 4.24 -63.98
N ASN C 39 18.90 3.64 -64.77
CA ASN C 39 19.18 2.20 -64.77
C ASN C 39 19.55 1.61 -63.40
N ASP C 40 20.31 2.35 -62.61
CA ASP C 40 20.71 1.83 -61.30
C ASP C 40 19.70 2.20 -60.21
N LEU C 41 18.51 2.55 -60.65
CA LEU C 41 17.40 2.92 -59.79
C LEU C 41 16.12 2.21 -60.18
N TYR C 42 15.98 1.86 -61.43
CA TYR C 42 14.78 1.23 -61.91
C TYR C 42 15.06 0.50 -63.20
N PRO C 43 14.60 -0.73 -63.35
CA PRO C 43 13.61 -1.34 -62.49
C PRO C 43 14.19 -2.22 -61.44
N ASN C 44 15.49 -2.18 -61.30
CA ASN C 44 16.12 -3.00 -60.32
C ASN C 44 17.16 -2.23 -59.59
N PRO C 45 16.73 -1.39 -58.69
CA PRO C 45 17.68 -0.59 -57.98
C PRO C 45 18.89 -1.39 -57.71
N LYS C 46 20.00 -0.72 -57.59
CA LYS C 46 21.28 -1.34 -57.27
C LYS C 46 21.70 -1.00 -55.85
N PRO C 47 21.70 -2.02 -54.97
CA PRO C 47 22.01 -1.89 -53.54
C PRO C 47 23.23 -1.00 -53.26
N GLU C 48 24.28 -1.16 -54.07
CA GLU C 48 25.50 -0.40 -53.86
C GLU C 48 25.26 1.10 -54.04
N VAL C 49 24.48 1.46 -55.07
CA VAL C 49 24.11 2.85 -55.33
C VAL C 49 23.22 3.40 -54.20
N LEU C 50 22.16 2.68 -53.86
CA LEU C 50 21.28 3.10 -52.77
C LEU C 50 22.02 3.31 -51.44
N HIS C 51 22.97 2.42 -51.14
CA HIS C 51 23.81 2.55 -49.96
C HIS C 51 24.52 3.91 -50.00
N MET C 52 25.08 4.23 -51.15
CA MET C 52 25.82 5.48 -51.31
C MET C 52 24.90 6.65 -51.00
N ILE C 53 23.72 6.61 -51.61
CA ILE C 53 22.72 7.66 -51.47
C ILE C 53 22.29 7.84 -50.01
N TYR C 54 21.86 6.76 -49.35
CA TYR C 54 21.44 6.82 -47.95
C TYR C 54 22.54 7.38 -47.02
N MET C 55 23.78 6.94 -47.24
CA MET C 55 24.94 7.43 -46.50
C MET C 55 25.14 8.94 -46.67
N ARG C 56 25.08 9.40 -47.92
CA ARG C 56 25.20 10.81 -48.22
C ARG C 56 24.08 11.61 -47.56
N ALA C 57 22.86 11.08 -47.64
CA ALA C 57 21.70 11.77 -47.10
C ALA C 57 21.91 11.97 -45.61
N LEU C 58 22.25 10.88 -44.93
CA LEU C 58 22.53 10.90 -43.49
C LEU C 58 23.66 11.86 -43.13
N GLN C 59 24.71 11.87 -43.94
CA GLN C 59 25.83 12.77 -43.72
C GLN C 59 25.40 14.22 -43.84
N ILE C 60 24.52 14.52 -44.79
CA ILE C 60 24.00 15.86 -44.96
C ILE C 60 23.09 16.22 -43.78
N VAL C 61 22.08 15.40 -43.50
CA VAL C 61 21.12 15.74 -42.45
C VAL C 61 21.74 15.76 -41.05
N TYR C 62 22.49 14.72 -40.71
CA TYR C 62 23.04 14.53 -39.36
C TYR C 62 24.50 14.92 -39.17
N GLY C 63 25.24 14.99 -40.27
CA GLY C 63 26.67 15.32 -40.18
C GLY C 63 27.35 14.09 -39.62
N ILE C 64 27.55 13.10 -40.48
CA ILE C 64 28.18 11.86 -40.11
C ILE C 64 29.23 11.58 -41.17
N ARG C 65 30.46 11.29 -40.73
CA ARG C 65 31.53 10.96 -41.67
C ARG C 65 31.24 9.64 -42.39
N LEU C 66 31.68 9.54 -43.65
CA LEU C 66 31.57 8.30 -44.42
C LEU C 66 32.32 7.19 -43.69
N GLU C 67 33.48 7.55 -43.15
CA GLU C 67 34.31 6.66 -42.33
C GLU C 67 33.45 5.88 -41.37
N HIS C 68 32.61 6.60 -40.61
CA HIS C 68 31.76 6.00 -39.58
C HIS C 68 30.96 4.78 -40.01
N PHE C 69 30.71 4.64 -41.31
CA PHE C 69 29.95 3.49 -41.82
C PHE C 69 30.83 2.25 -42.07
N TYR C 70 32.14 2.43 -41.92
CA TYR C 70 33.11 1.35 -42.08
C TYR C 70 34.04 1.30 -40.86
N MET C 71 33.44 1.05 -39.70
CA MET C 71 34.18 1.08 -38.46
C MET C 71 34.01 -0.27 -37.76
N MET C 72 35.13 -0.86 -37.33
CA MET C 72 35.11 -2.16 -36.68
C MET C 72 35.18 -2.03 -35.16
N PRO C 73 34.01 -2.06 -34.49
CA PRO C 73 33.84 -1.84 -33.04
C PRO C 73 34.77 -2.59 -32.06
N VAL C 74 35.79 -1.89 -31.56
CA VAL C 74 36.61 -2.34 -30.41
C VAL C 74 36.98 -3.86 -30.33
N ASN C 75 36.61 -4.52 -29.23
CA ASN C 75 36.82 -5.96 -29.07
C ASN C 75 35.87 -6.78 -29.91
N SER C 76 35.72 -6.37 -31.17
CA SER C 76 34.89 -7.02 -32.18
C SER C 76 34.66 -8.51 -31.92
N GLY C 77 35.75 -9.26 -31.86
CA GLY C 77 35.69 -10.70 -31.60
C GLY C 77 35.57 -11.53 -32.86
N VAL C 78 35.64 -10.89 -34.03
CA VAL C 78 35.48 -11.62 -35.30
C VAL C 78 36.76 -12.30 -35.71
N MET C 79 36.63 -13.40 -36.44
CA MET C 79 37.75 -14.19 -36.93
C MET C 79 38.59 -13.44 -37.94
N TYR C 80 37.95 -13.01 -39.03
CA TYR C 80 38.61 -12.32 -40.13
C TYR C 80 38.03 -10.96 -40.37
N PRO C 81 38.49 -9.94 -39.61
CA PRO C 81 37.99 -8.59 -39.85
C PRO C 81 37.78 -8.22 -41.32
N HIS C 82 38.72 -8.59 -42.19
CA HIS C 82 38.65 -8.15 -43.59
C HIS C 82 37.56 -8.81 -44.44
N LEU C 83 37.04 -9.96 -44.00
CA LEU C 83 35.93 -10.60 -44.73
C LEU C 83 34.60 -9.96 -44.36
N MET C 84 34.67 -8.89 -43.57
CA MET C 84 33.50 -8.24 -43.00
C MET C 84 33.06 -6.96 -43.70
N GLU C 85 33.92 -6.43 -44.56
CA GLU C 85 33.70 -5.12 -45.21
C GLU C 85 32.38 -4.96 -45.95
N GLY C 86 31.93 -5.99 -46.66
CA GLY C 86 30.65 -5.93 -47.37
C GLY C 86 29.45 -5.79 -46.44
N PHE C 87 29.57 -6.28 -45.21
CA PHE C 87 28.48 -6.24 -44.25
C PHE C 87 28.40 -4.93 -43.44
N LEU C 88 29.56 -4.40 -43.07
CA LEU C 88 29.66 -3.17 -42.26
C LEU C 88 28.67 -2.00 -42.59
N PRO C 89 28.57 -1.58 -43.88
CA PRO C 89 27.65 -0.49 -44.17
C PRO C 89 26.28 -0.74 -43.52
N PHE C 90 25.60 -1.79 -43.99
CA PHE C 90 24.34 -2.29 -43.43
C PHE C 90 24.15 -2.06 -41.91
N SER C 91 25.07 -2.55 -41.10
CA SER C 91 24.87 -2.44 -39.65
C SER C 91 24.59 -1.00 -39.22
N ASN C 92 25.34 -0.08 -39.81
CA ASN C 92 25.25 1.35 -39.46
C ASN C 92 24.09 2.05 -40.16
N LEU C 93 23.76 1.60 -41.36
CA LEU C 93 22.60 2.13 -42.06
C LEU C 93 21.33 1.95 -41.24
N VAL C 94 21.00 0.70 -40.90
CA VAL C 94 19.78 0.34 -40.18
C VAL C 94 19.39 1.29 -39.05
N THR C 95 20.31 1.52 -38.12
CA THR C 95 20.02 2.32 -36.94
C THR C 95 19.62 3.75 -37.28
N HIS C 96 20.36 4.37 -38.20
CA HIS C 96 20.05 5.73 -38.58
C HIS C 96 18.82 5.80 -39.47
N LEU C 97 18.73 4.88 -40.45
CA LEU C 97 17.60 4.86 -41.36
C LEU C 97 16.25 4.61 -40.67
N ASP C 98 16.26 3.97 -39.49
CA ASP C 98 15.03 3.71 -38.72
C ASP C 98 14.48 4.99 -38.14
N SER C 99 15.38 5.90 -37.85
CA SER C 99 15.03 7.17 -37.27
C SER C 99 14.79 8.23 -38.36
N PHE C 100 15.59 8.19 -39.42
CA PHE C 100 15.56 9.22 -40.45
C PHE C 100 14.36 9.14 -41.41
N LEU C 101 13.99 7.95 -41.84
CA LEU C 101 12.88 7.85 -42.79
C LEU C 101 11.52 8.28 -42.21
N PRO C 102 11.24 7.96 -40.92
CA PRO C 102 10.03 8.52 -40.29
C PRO C 102 9.95 10.04 -40.41
N ILE C 103 11.08 10.71 -40.24
CA ILE C 103 11.15 12.14 -40.39
C ILE C 103 10.76 12.56 -41.81
N CYS C 104 11.20 11.78 -42.79
CA CYS C 104 10.87 12.04 -44.20
C CYS C 104 9.46 11.59 -44.50
N ARG C 105 8.72 11.25 -43.45
CA ARG C 105 7.32 10.85 -43.57
C ARG C 105 7.17 9.45 -44.16
N VAL C 106 8.14 8.61 -43.87
CA VAL C 106 8.11 7.23 -44.29
C VAL C 106 8.08 6.34 -43.05
N ASN C 107 7.04 5.54 -42.90
CA ASN C 107 6.90 4.74 -41.67
C ASN C 107 7.05 3.22 -41.78
N ASP C 108 7.25 2.71 -42.99
CA ASP C 108 7.31 1.28 -43.23
C ASP C 108 8.64 0.84 -43.84
N PHE C 109 9.72 1.55 -43.49
CA PHE C 109 11.02 1.16 -43.95
C PHE C 109 11.50 -0.03 -43.14
N GLU C 110 12.01 -1.06 -43.81
CA GLU C 110 12.45 -2.29 -43.14
C GLU C 110 13.82 -2.73 -43.66
N THR C 111 14.54 -3.55 -42.89
CA THR C 111 15.90 -3.93 -43.27
C THR C 111 15.99 -4.49 -44.70
N ALA C 112 14.99 -5.27 -45.10
CA ALA C 112 14.91 -5.79 -46.48
C ALA C 112 15.10 -4.69 -47.53
N ASP C 113 14.59 -3.49 -47.26
CA ASP C 113 14.75 -2.36 -48.17
C ASP C 113 16.21 -1.90 -48.34
N ILE C 114 17.04 -2.18 -47.36
CA ILE C 114 18.45 -1.87 -47.47
C ILE C 114 19.18 -3.02 -48.18
N LEU C 115 18.80 -4.25 -47.87
CA LEU C 115 19.51 -5.42 -48.35
C LEU C 115 19.16 -5.74 -49.77
N CYS C 116 17.89 -5.56 -50.08
CA CYS C 116 17.37 -5.95 -51.37
C CYS C 116 16.29 -4.95 -51.75
N PRO C 117 16.69 -3.78 -52.31
CA PRO C 117 15.82 -2.68 -52.69
C PRO C 117 14.88 -3.01 -53.85
N LYS C 118 13.58 -2.80 -53.63
CA LYS C 118 12.51 -2.96 -54.63
C LYS C 118 12.21 -1.63 -55.34
N ALA C 119 11.82 -1.72 -56.61
CA ALA C 119 11.68 -0.52 -57.47
C ALA C 119 10.73 0.54 -56.91
N LYS C 120 9.46 0.19 -56.79
CA LYS C 120 8.44 1.13 -56.37
C LYS C 120 8.63 1.64 -54.95
N ARG C 121 9.12 0.78 -54.06
CA ARG C 121 9.38 1.22 -52.68
C ARG C 121 10.56 2.21 -52.59
N THR C 122 11.68 1.92 -53.25
CA THR C 122 12.82 2.83 -53.10
C THR C 122 12.59 4.17 -53.79
N SER C 123 11.77 4.16 -54.83
CA SER C 123 11.35 5.39 -55.47
C SER C 123 10.60 6.30 -54.48
N ARG C 124 9.69 5.71 -53.73
CA ARG C 124 8.91 6.43 -52.74
C ARG C 124 9.80 6.89 -51.58
N PHE C 125 10.80 6.09 -51.23
CA PHE C 125 11.69 6.48 -50.15
C PHE C 125 12.56 7.65 -50.60
N LEU C 126 13.08 7.57 -51.82
CA LEU C 126 13.91 8.64 -52.38
C LEU C 126 13.18 10.00 -52.45
N SER C 127 11.90 9.98 -52.82
CA SER C 127 11.09 11.21 -52.89
C SER C 127 10.90 11.77 -51.49
N GLY C 128 10.69 10.88 -50.52
CA GLY C 128 10.58 11.29 -49.13
C GLY C 128 11.84 12.01 -48.66
N ILE C 129 13.00 11.38 -48.88
CA ILE C 129 14.28 12.00 -48.54
C ILE C 129 14.44 13.34 -49.29
N ILE C 130 14.33 13.33 -50.62
CA ILE C 130 14.48 14.57 -51.43
C ILE C 130 13.60 15.73 -50.94
N ASN C 131 12.32 15.45 -50.69
CA ASN C 131 11.42 16.50 -50.20
C ASN C 131 11.86 17.08 -48.86
N PHE C 132 12.29 16.23 -47.94
CA PHE C 132 12.81 16.73 -46.67
C PHE C 132 14.03 17.62 -46.93
N ILE C 133 14.87 17.23 -47.88
CA ILE C 133 16.06 18.01 -48.14
C ILE C 133 15.70 19.43 -48.60
N HIS C 134 14.66 19.56 -49.43
CA HIS C 134 14.23 20.89 -49.88
C HIS C 134 13.64 21.70 -48.73
N PHE C 135 12.94 21.01 -47.84
CA PHE C 135 12.30 21.71 -46.74
C PHE C 135 13.33 22.26 -45.77
N ARG C 136 14.31 21.43 -45.38
CA ARG C 136 15.31 21.92 -44.44
C ARG C 136 16.11 23.04 -45.08
N GLU C 137 16.25 23.01 -46.41
CA GLU C 137 16.95 24.08 -47.11
C GLU C 137 16.27 25.42 -46.79
N ALA C 138 14.93 25.42 -46.81
CA ALA C 138 14.13 26.58 -46.48
C ALA C 138 14.26 26.97 -45.02
N CYS C 139 14.32 25.96 -44.16
CA CYS C 139 14.50 26.11 -42.72
C CYS C 139 15.89 26.59 -42.38
N ARG C 140 16.86 26.27 -43.22
CA ARG C 140 18.23 26.68 -42.97
C ARG C 140 18.30 28.18 -43.05
N GLU C 141 17.72 28.73 -44.11
CA GLU C 141 17.71 30.18 -44.29
C GLU C 141 17.25 30.93 -43.05
N THR C 142 16.13 30.49 -42.47
CA THR C 142 15.53 31.26 -41.38
C THR C 142 16.24 31.02 -40.06
N TYR C 143 16.74 29.81 -39.86
CA TYR C 143 17.53 29.45 -38.70
C TYR C 143 18.81 30.28 -38.67
N MET C 144 19.57 30.25 -39.77
CA MET C 144 20.82 30.99 -39.90
C MET C 144 20.62 32.48 -39.69
N GLU C 145 19.49 33.01 -40.13
CA GLU C 145 19.20 34.41 -39.92
C GLU C 145 19.11 34.64 -38.41
N PHE C 146 18.30 33.84 -37.73
CA PHE C 146 18.19 33.88 -36.27
C PHE C 146 19.53 33.61 -35.55
N LEU C 147 20.39 32.81 -36.17
CA LEU C 147 21.68 32.48 -35.56
C LEU C 147 22.78 33.51 -35.88
N TRP C 148 22.45 34.56 -36.60
CA TRP C 148 23.41 35.65 -36.81
C TRP C 148 22.87 36.89 -36.13
N GLN C 149 21.63 36.81 -35.66
CA GLN C 149 21.01 37.87 -34.88
C GLN C 149 21.38 37.70 -33.41
N TYR C 150 21.35 36.45 -32.93
CA TYR C 150 21.69 36.18 -31.53
C TYR C 150 23.20 36.10 -31.28
N LYS C 151 23.95 35.53 -32.22
CA LYS C 151 25.40 35.42 -31.99
C LYS C 151 26.09 36.75 -32.27
N SER C 152 25.47 37.59 -33.10
CA SER C 152 26.00 38.94 -33.36
C SER C 152 25.79 39.86 -32.16
N SER C 153 24.63 39.76 -31.52
CA SER C 153 24.34 40.54 -30.33
C SER C 153 25.06 39.98 -29.10
N ALA C 154 25.66 38.80 -29.26
CA ALA C 154 26.52 38.21 -28.24
C ALA C 154 27.92 38.83 -28.36
N ASP C 155 28.27 39.23 -29.58
CA ASP C 155 29.52 39.94 -29.86
C ASP C 155 29.43 41.35 -29.33
N LYS C 156 28.22 41.89 -29.32
CA LYS C 156 27.95 43.23 -28.82
C LYS C 156 27.83 43.23 -27.30
N MET C 157 27.86 42.05 -26.69
CA MET C 157 27.86 41.94 -25.23
C MET C 157 29.26 41.53 -24.73
N GLN C 158 30.12 41.14 -25.67
CA GLN C 158 31.53 40.89 -25.38
C GLN C 158 32.22 42.24 -25.25
N GLN C 159 31.90 43.13 -26.19
CA GLN C 159 32.42 44.48 -26.23
C GLN C 159 31.75 45.35 -25.16
N LEU C 160 30.60 44.90 -24.66
CA LEU C 160 29.86 45.64 -23.64
C LEU C 160 30.28 45.20 -22.23
N ASN C 161 31.12 44.16 -22.18
CA ASN C 161 31.75 43.71 -20.94
C ASN C 161 33.22 44.08 -20.94
N ALA C 162 33.72 44.47 -22.10
CA ALA C 162 35.09 44.92 -22.27
C ALA C 162 35.21 46.38 -21.81
N ALA C 163 34.20 47.18 -22.14
CA ALA C 163 34.17 48.61 -21.79
C ALA C 163 33.56 48.88 -20.40
N HIS C 164 32.98 47.84 -19.80
CA HIS C 164 32.30 47.97 -18.51
C HIS C 164 33.17 47.54 -17.31
N GLN C 165 33.95 46.46 -17.46
CA GLN C 165 34.79 45.97 -16.36
C GLN C 165 36.14 46.69 -16.30
N GLU C 166 36.56 47.28 -17.42
CA GLU C 166 37.77 48.09 -17.51
C GLU C 166 37.56 49.44 -16.81
N ALA C 167 36.36 50.01 -16.98
CA ALA C 167 35.98 51.27 -16.36
C ALA C 167 35.33 51.09 -14.98
N LEU C 168 35.40 49.85 -14.48
CA LEU C 168 34.94 49.51 -13.13
C LEU C 168 36.17 49.17 -12.29
N MET C 169 37.29 48.92 -12.98
CA MET C 169 38.56 48.58 -12.34
C MET C 169 39.42 49.82 -12.11
N LYS C 170 39.22 50.85 -12.91
CA LYS C 170 39.94 52.12 -12.76
C LYS C 170 39.43 52.92 -11.56
N LEU C 171 38.15 52.75 -11.23
CA LEU C 171 37.51 53.40 -10.10
C LEU C 171 37.87 52.68 -8.79
N GLU C 172 38.12 51.37 -8.89
CA GLU C 172 38.48 50.52 -7.75
C GLU C 172 39.71 51.02 -7.01
N ILE C 186 50.66 70.03 2.47
CA ILE C 186 49.56 70.73 3.14
C ILE C 186 49.56 70.45 4.67
N PRO C 187 49.75 69.18 5.09
CA PRO C 187 49.92 68.94 6.54
C PRO C 187 51.25 69.50 7.08
N SER C 188 51.73 70.58 6.43
CA SER C 188 52.99 71.21 6.79
C SER C 188 52.94 72.72 6.63
N ALA C 189 52.18 73.20 5.66
CA ALA C 189 52.07 74.64 5.37
C ALA C 189 50.85 75.30 6.03
N VAL C 190 49.86 74.49 6.41
CA VAL C 190 48.62 75.00 7.04
C VAL C 190 48.86 75.40 8.51
N TYR C 191 49.44 74.49 9.30
CA TYR C 191 49.67 74.73 10.72
C TYR C 191 50.66 75.86 10.99
N VAL C 192 51.52 76.15 10.01
CA VAL C 192 52.47 77.27 10.11
C VAL C 192 51.75 78.60 9.86
N ALA C 193 50.88 78.63 8.85
CA ALA C 193 50.14 79.84 8.47
C ALA C 193 48.91 80.12 9.35
N GLN C 194 48.59 79.18 10.23
CA GLN C 194 47.42 79.29 11.11
C GLN C 194 47.81 79.80 12.50
N LEU C 195 49.05 79.51 12.91
CA LEU C 195 49.59 79.99 14.18
C LEU C 195 49.75 81.50 14.18
N TYR C 196 50.16 82.06 13.04
CA TYR C 196 50.27 83.51 12.88
C TYR C 196 48.93 84.17 13.16
N HIS C 197 47.88 83.67 12.49
CA HIS C 197 46.53 84.19 12.62
C HIS C 197 45.96 84.08 14.04
N GLN C 198 46.24 82.97 14.71
CA GLN C 198 45.66 82.71 16.03
C GLN C 198 46.32 83.48 17.18
N VAL C 199 47.64 83.37 17.30
CA VAL C 199 48.38 84.01 18.40
C VAL C 199 48.37 85.55 18.31
N SER C 200 48.39 86.08 17.10
CA SER C 200 48.37 87.54 16.89
C SER C 200 46.97 88.13 16.98
N LYS C 201 45.96 87.34 16.60
CA LYS C 201 44.55 87.75 16.58
C LYS C 201 44.29 88.89 15.60
N ILE C 202 45.03 88.91 14.49
CA ILE C 202 44.85 89.91 13.44
C ILE C 202 44.75 89.26 12.06
N GLU C 203 44.12 89.98 11.13
CA GLU C 203 44.00 89.53 9.74
C GLU C 203 44.02 90.72 8.78
N TRP C 204 44.85 90.60 7.75
CA TRP C 204 45.08 91.67 6.77
C TRP C 204 43.88 91.88 5.84
N GLU C 205 43.73 93.12 5.38
CA GLU C 205 42.56 93.52 4.59
C GLU C 205 42.76 93.46 3.08
N TYR C 206 44.03 93.49 2.64
CA TYR C 206 44.41 93.50 1.21
C TYR C 206 43.87 94.71 0.43
N GLU C 207 43.30 95.66 1.18
CA GLU C 207 42.97 96.98 0.66
C GLU C 207 43.96 97.96 1.28
N CYS C 208 45.20 97.48 1.42
CA CYS C 208 46.27 98.23 2.09
C CYS C 208 46.99 99.22 1.17
N GLU C 209 46.29 99.68 0.13
CA GLU C 209 46.81 100.69 -0.83
C GLU C 209 48.08 100.18 -1.55
N PRO C 210 48.78 101.06 -2.31
CA PRO C 210 50.04 100.59 -2.86
C PRO C 210 51.22 100.91 -1.92
N GLY C 211 51.21 100.32 -0.73
CA GLY C 211 52.30 100.53 0.23
C GLY C 211 51.99 100.37 1.71
N MET C 212 50.81 100.85 2.14
CA MET C 212 50.44 100.85 3.57
C MET C 212 50.07 99.45 4.11
N VAL C 213 49.79 99.38 5.42
CA VAL C 213 49.34 98.12 6.05
C VAL C 213 47.95 98.34 6.65
N LYS C 214 47.05 97.40 6.36
CA LYS C 214 45.65 97.52 6.77
C LYS C 214 45.11 96.17 7.23
N GLY C 215 44.31 96.19 8.31
CA GLY C 215 43.71 94.98 8.86
C GLY C 215 42.76 95.19 10.02
N ILE C 216 42.35 94.09 10.65
CA ILE C 216 41.44 94.11 11.81
C ILE C 216 42.04 93.29 12.96
N HIS C 217 41.79 93.74 14.19
CA HIS C 217 42.23 93.01 15.40
C HIS C 217 41.05 92.66 16.29
N GLN C 224 39.37 96.14 16.85
CA GLN C 224 39.90 97.45 16.45
C GLN C 224 40.45 97.48 15.01
N PRO C 225 40.32 98.64 14.33
CA PRO C 225 40.89 98.78 13.00
C PRO C 225 42.34 99.28 13.06
N ILE C 226 43.24 98.57 12.38
CA ILE C 226 44.65 98.99 12.31
C ILE C 226 44.96 99.62 10.95
N HIS C 227 45.57 100.80 11.00
CA HIS C 227 45.89 101.57 9.80
C HIS C 227 47.24 102.27 9.99
N LEU C 228 48.28 101.72 9.37
CA LEU C 228 49.63 102.27 9.45
C LEU C 228 50.18 102.59 8.06
N ASP C 229 50.94 103.68 7.96
CA ASP C 229 51.48 104.14 6.68
C ASP C 229 52.62 103.27 6.13
N SER C 230 53.62 103.00 6.99
CA SER C 230 54.77 102.11 6.67
C SER C 230 55.84 102.73 5.76
N THR C 231 55.46 103.68 4.90
CA THR C 231 56.49 104.42 4.15
C THR C 231 57.07 105.48 5.07
N GLN C 232 56.23 105.98 5.99
CA GLN C 232 56.63 106.95 7.00
C GLN C 232 56.55 106.34 8.41
N LEU C 233 57.05 105.12 8.54
CA LEU C 233 57.09 104.38 9.81
C LEU C 233 58.11 103.25 9.70
N SER C 234 58.88 103.06 10.76
CA SER C 234 59.90 102.00 10.78
C SER C 234 59.28 100.62 10.91
N ARG C 235 60.03 99.60 10.49
CA ARG C 235 59.62 98.21 10.62
C ARG C 235 59.35 97.88 12.09
N LYS C 236 60.30 98.24 12.94
CA LYS C 236 60.22 97.96 14.38
C LYS C 236 59.04 98.67 15.05
N PHE C 237 58.69 99.87 14.57
CA PHE C 237 57.54 100.60 15.11
C PHE C 237 56.25 99.84 14.83
N ILE C 238 56.14 99.30 13.61
CA ILE C 238 54.98 98.51 13.17
C ILE C 238 54.87 97.23 14.02
N SER C 239 55.98 96.50 14.16
CA SER C 239 56.03 95.30 14.99
C SER C 239 55.55 95.61 16.41
N ASP C 240 56.14 96.62 17.04
CA ASP C 240 55.81 97.02 18.41
C ASP C 240 54.35 97.44 18.59
N TYR C 241 53.79 98.13 17.60
CA TYR C 241 52.40 98.59 17.66
C TYR C 241 51.43 97.42 17.59
N LEU C 242 51.78 96.41 16.79
CA LEU C 242 50.96 95.21 16.62
C LEU C 242 51.00 94.32 17.87
N TRP C 243 52.19 94.12 18.43
CA TRP C 243 52.36 93.29 19.64
C TRP C 243 51.87 93.96 20.92
N SER C 244 51.70 95.28 20.88
CA SER C 244 51.22 96.03 22.06
C SER C 244 49.72 95.82 22.27
N LEU C 245 49.05 95.32 21.24
CA LEU C 245 47.61 95.07 21.26
C LEU C 245 47.28 93.65 21.71
N VAL C 246 48.26 92.74 21.58
CA VAL C 246 48.07 91.34 21.97
C VAL C 246 47.99 91.17 23.49
N LEU D 9 13.40 8.55 14.29
CA LEU D 9 14.00 7.18 14.40
C LEU D 9 14.84 6.99 15.69
N SER D 10 14.19 6.54 16.77
CA SER D 10 14.90 6.22 18.02
C SER D 10 15.69 4.94 17.80
N PHE D 11 16.39 4.45 18.83
CA PHE D 11 17.07 3.17 18.65
C PHE D 11 16.10 2.01 18.90
N PRO D 12 16.15 0.97 18.03
CA PRO D 12 15.40 -0.26 18.26
C PRO D 12 15.68 -0.80 19.66
N ARG D 13 14.62 -1.25 20.33
CA ARG D 13 14.72 -1.86 21.64
C ARG D 13 15.69 -3.06 21.62
N TYR D 14 15.60 -3.89 20.58
CA TYR D 14 16.38 -5.14 20.54
C TYR D 14 17.39 -5.26 19.39
N ASN D 15 18.50 -5.94 19.64
CA ASN D 15 19.41 -6.32 18.56
C ASN D 15 18.91 -7.63 17.94
N VAL D 16 19.56 -8.12 16.90
CA VAL D 16 19.03 -9.27 16.17
C VAL D 16 18.85 -10.52 17.06
N ALA D 17 19.84 -10.83 17.90
CA ALA D 17 19.76 -11.96 18.81
C ALA D 17 18.49 -11.93 19.69
N GLU D 18 18.22 -10.80 20.34
CA GLU D 18 17.01 -10.67 21.17
C GLU D 18 15.73 -10.75 20.32
N ILE D 19 15.75 -10.11 19.16
CA ILE D 19 14.64 -10.11 18.22
C ILE D 19 14.22 -11.55 17.86
N VAL D 20 15.21 -12.44 17.66
CA VAL D 20 14.91 -13.84 17.35
C VAL D 20 14.13 -14.48 18.50
N ILE D 21 14.64 -14.31 19.71
CA ILE D 21 13.98 -14.85 20.89
C ILE D 21 12.53 -14.35 21.09
N HIS D 22 12.28 -13.09 20.78
CA HIS D 22 10.93 -12.55 20.95
C HIS D 22 10.01 -13.05 19.84
N ILE D 23 10.57 -13.23 18.65
CA ILE D 23 9.79 -13.78 17.54
C ILE D 23 9.44 -15.24 17.82
N ARG D 24 10.40 -16.00 18.36
CA ARG D 24 10.11 -17.39 18.72
C ARG D 24 8.99 -17.39 19.72
N ASN D 25 9.19 -16.72 20.86
CA ASN D 25 8.19 -16.68 21.92
C ASN D 25 6.82 -16.24 21.42
N LYS D 26 6.77 -15.11 20.74
CA LYS D 26 5.49 -14.44 20.47
C LYS D 26 4.89 -14.52 19.07
N ILE D 27 5.66 -14.90 18.05
CA ILE D 27 5.12 -14.85 16.68
C ILE D 27 5.22 -16.17 15.91
N LEU D 28 6.40 -16.77 15.87
CA LEU D 28 6.58 -18.04 15.17
C LEU D 28 6.34 -19.25 16.07
N THR D 29 6.13 -20.39 15.45
CA THR D 29 5.68 -21.59 16.15
C THR D 29 6.35 -22.86 15.64
N GLY D 30 6.66 -23.75 16.59
CA GLY D 30 7.28 -25.02 16.27
C GLY D 30 8.47 -24.89 15.35
N ALA D 31 8.47 -25.68 14.28
CA ALA D 31 9.57 -25.75 13.32
C ALA D 31 9.96 -24.39 12.82
N ASP D 32 8.96 -23.59 12.48
CA ASP D 32 9.19 -22.24 11.94
C ASP D 32 10.11 -21.38 12.79
N GLY D 33 9.86 -21.37 14.10
CA GLY D 33 10.67 -20.62 15.06
C GLY D 33 12.02 -21.27 15.31
N LYS D 34 12.02 -22.59 15.46
CA LYS D 34 13.26 -23.35 15.67
C LYS D 34 14.26 -23.13 14.53
N ASN D 35 13.76 -22.97 13.32
CA ASN D 35 14.63 -22.74 12.17
C ASN D 35 15.18 -21.32 12.08
N LEU D 36 14.46 -20.37 12.68
CA LEU D 36 14.80 -18.95 12.64
C LEU D 36 16.10 -18.66 13.39
N THR D 37 17.04 -18.05 12.68
CA THR D 37 18.37 -17.75 13.20
C THR D 37 18.79 -16.32 12.88
N LYS D 38 19.77 -15.81 13.63
CA LYS D 38 20.32 -14.47 13.38
C LYS D 38 20.64 -14.21 11.92
N ASN D 39 21.39 -15.13 11.31
CA ASN D 39 21.89 -14.95 9.92
C ASN D 39 20.83 -14.88 8.84
N ASP D 40 19.57 -15.11 9.18
CA ASP D 40 18.56 -14.94 8.15
C ASP D 40 17.76 -13.63 8.37
N LEU D 41 18.34 -12.78 9.19
CA LEU D 41 17.81 -11.48 9.49
C LEU D 41 18.92 -10.43 9.51
N TYR D 42 20.14 -10.88 9.65
CA TYR D 42 21.29 -10.00 9.56
C TYR D 42 22.60 -10.70 9.24
N PRO D 43 23.40 -10.17 8.32
CA PRO D 43 23.29 -8.81 7.86
C PRO D 43 22.50 -8.67 6.62
N ASN D 44 21.97 -9.74 6.10
CA ASN D 44 21.13 -9.60 4.96
C ASN D 44 19.97 -10.47 5.23
N PRO D 45 18.79 -9.89 5.24
CA PRO D 45 17.58 -10.56 5.65
C PRO D 45 16.94 -11.33 4.56
N LYS D 46 16.60 -12.57 4.82
CA LYS D 46 15.94 -13.38 3.86
C LYS D 46 14.49 -12.98 3.72
N PRO D 47 14.19 -12.24 2.66
CA PRO D 47 12.85 -11.68 2.44
C PRO D 47 11.70 -12.65 2.66
N GLU D 48 11.92 -13.94 2.41
CA GLU D 48 10.88 -14.95 2.60
C GLU D 48 10.73 -15.34 4.07
N VAL D 49 11.76 -15.07 4.87
CA VAL D 49 11.66 -15.27 6.32
C VAL D 49 10.85 -14.11 6.90
N LEU D 50 11.11 -12.89 6.42
CA LEU D 50 10.39 -11.70 6.88
C LEU D 50 8.94 -11.77 6.47
N HIS D 51 8.72 -12.32 5.29
CA HIS D 51 7.37 -12.53 4.78
C HIS D 51 6.53 -13.35 5.77
N MET D 52 7.13 -14.42 6.27
CA MET D 52 6.48 -15.33 7.19
C MET D 52 6.19 -14.64 8.52
N ILE D 53 7.18 -13.91 9.03
CA ILE D 53 7.06 -13.17 10.27
C ILE D 53 5.98 -12.11 10.14
N TYR D 54 6.14 -11.19 9.18
CA TYR D 54 5.15 -10.14 8.95
C TYR D 54 3.75 -10.68 8.76
N MET D 55 3.65 -11.83 8.09
CA MET D 55 2.35 -12.42 7.83
C MET D 55 1.75 -13.02 9.11
N ARG D 56 2.55 -13.80 9.84
CA ARG D 56 2.07 -14.37 11.09
C ARG D 56 1.67 -13.26 12.07
N ALA D 57 2.45 -12.18 12.10
CA ALA D 57 2.16 -11.06 12.99
C ALA D 57 0.76 -10.52 12.71
N LEU D 58 0.50 -10.25 11.43
CA LEU D 58 -0.82 -9.78 10.98
C LEU D 58 -1.94 -10.73 11.37
N GLN D 59 -1.73 -12.02 11.11
CA GLN D 59 -2.70 -13.04 11.51
C GLN D 59 -3.02 -12.91 12.99
N ILE D 60 -2.01 -12.94 13.85
CA ILE D 60 -2.20 -12.84 15.30
C ILE D 60 -3.01 -11.60 15.71
N VAL D 61 -2.65 -10.44 15.15
CA VAL D 61 -3.24 -9.17 15.58
C VAL D 61 -4.62 -8.93 14.97
N TYR D 62 -4.76 -9.16 13.67
CA TYR D 62 -6.03 -8.91 12.97
C TYR D 62 -6.94 -10.11 12.85
N GLY D 63 -6.47 -11.28 13.31
CA GLY D 63 -7.25 -12.51 13.24
C GLY D 63 -7.55 -12.73 11.77
N ILE D 64 -6.52 -13.14 11.03
CA ILE D 64 -6.62 -13.20 9.59
C ILE D 64 -5.91 -14.48 9.19
N ARG D 65 -6.27 -15.11 8.07
CA ARG D 65 -5.64 -16.38 7.70
C ARG D 65 -4.86 -16.37 6.39
N LEU D 66 -4.08 -17.42 6.18
CA LEU D 66 -3.25 -17.56 4.98
C LEU D 66 -4.08 -17.26 3.73
N GLU D 67 -5.29 -17.80 3.70
CA GLU D 67 -6.23 -17.63 2.59
C GLU D 67 -6.50 -16.16 2.23
N HIS D 68 -6.50 -15.28 3.22
CA HIS D 68 -6.77 -13.86 2.99
C HIS D 68 -5.65 -13.17 2.19
N PHE D 69 -4.48 -13.81 2.15
CA PHE D 69 -3.34 -13.27 1.42
C PHE D 69 -3.37 -13.69 -0.04
N TYR D 70 -4.44 -14.36 -0.44
CA TYR D 70 -4.60 -14.79 -1.81
C TYR D 70 -5.85 -14.20 -2.49
N MET D 71 -6.40 -13.15 -1.87
CA MET D 71 -7.57 -12.45 -2.41
C MET D 71 -7.17 -11.64 -3.64
N MET D 72 -7.93 -11.83 -4.72
CA MET D 72 -7.70 -11.12 -5.96
C MET D 72 -8.69 -9.95 -6.10
N PRO D 73 -8.19 -8.71 -6.21
CA PRO D 73 -9.06 -7.56 -6.47
C PRO D 73 -9.92 -7.77 -7.73
N VAL D 74 -11.15 -7.24 -7.71
CA VAL D 74 -12.13 -7.50 -8.79
C VAL D 74 -11.92 -6.71 -10.09
N ASN D 75 -11.35 -5.51 -10.00
CA ASN D 75 -11.15 -4.67 -11.18
C ASN D 75 -9.71 -4.68 -11.68
N SER D 76 -9.07 -5.85 -11.61
CA SER D 76 -7.69 -6.03 -12.06
C SER D 76 -7.66 -6.27 -13.55
N GLY D 77 -8.50 -7.21 -14.01
CA GLY D 77 -8.59 -7.56 -15.41
C GLY D 77 -7.30 -8.11 -15.98
N VAL D 78 -6.74 -9.11 -15.32
CA VAL D 78 -5.53 -9.77 -15.81
C VAL D 78 -5.93 -10.89 -16.77
N MET D 79 -5.03 -11.30 -17.65
CA MET D 79 -5.35 -12.34 -18.62
C MET D 79 -5.19 -13.79 -18.11
N TYR D 80 -4.24 -14.03 -17.20
CA TYR D 80 -4.02 -15.37 -16.63
C TYR D 80 -4.04 -15.38 -15.10
N PRO D 81 -5.25 -15.26 -14.50
CA PRO D 81 -5.41 -15.21 -13.03
C PRO D 81 -4.58 -16.25 -12.26
N HIS D 82 -4.49 -17.48 -12.75
CA HIS D 82 -3.77 -18.54 -12.03
C HIS D 82 -2.26 -18.33 -12.00
N LEU D 83 -1.75 -17.59 -12.98
CA LEU D 83 -0.32 -17.26 -13.02
C LEU D 83 0.07 -16.15 -12.04
N MET D 84 -0.91 -15.53 -11.38
CA MET D 84 -0.67 -14.36 -10.54
C MET D 84 -0.64 -14.66 -9.07
N GLU D 85 -0.95 -15.90 -8.67
CA GLU D 85 -1.05 -16.18 -7.23
C GLU D 85 0.29 -16.09 -6.47
N GLY D 86 1.41 -16.15 -7.17
CA GLY D 86 2.69 -15.95 -6.50
C GLY D 86 2.81 -14.53 -5.96
N PHE D 87 2.16 -13.59 -6.65
CA PHE D 87 2.25 -12.16 -6.37
C PHE D 87 1.25 -11.67 -5.33
N LEU D 88 0.09 -12.31 -5.29
CA LEU D 88 -1.00 -11.94 -4.38
C LEU D 88 -0.57 -11.78 -2.91
N PRO D 89 0.10 -12.78 -2.31
CA PRO D 89 0.52 -12.58 -0.92
C PRO D 89 1.36 -11.32 -0.73
N PHE D 90 2.25 -11.02 -1.68
CA PHE D 90 3.05 -9.82 -1.58
C PHE D 90 2.18 -8.57 -1.55
N SER D 91 1.29 -8.46 -2.54
CA SER D 91 0.43 -7.29 -2.70
C SER D 91 -0.43 -7.04 -1.45
N ASN D 92 -1.12 -8.09 -0.98
CA ASN D 92 -1.92 -8.04 0.23
C ASN D 92 -1.04 -7.75 1.45
N LEU D 93 0.11 -8.42 1.53
CA LEU D 93 1.00 -8.26 2.68
C LEU D 93 1.33 -6.78 2.85
N VAL D 94 1.66 -6.16 1.72
CA VAL D 94 1.96 -4.74 1.65
C VAL D 94 0.76 -3.87 2.05
N THR D 95 -0.42 -4.19 1.52
CA THR D 95 -1.62 -3.43 1.83
C THR D 95 -1.92 -3.41 3.33
N HIS D 96 -1.80 -4.57 4.00
CA HIS D 96 -2.01 -4.64 5.45
C HIS D 96 -0.88 -4.00 6.27
N LEU D 97 0.38 -4.26 5.88
CA LEU D 97 1.49 -3.67 6.61
C LEU D 97 1.39 -2.16 6.57
N ASP D 98 0.69 -1.62 5.57
CA ASP D 98 0.47 -0.18 5.45
C ASP D 98 -0.32 0.34 6.62
N SER D 99 -1.27 -0.45 7.07
CA SER D 99 -2.15 -0.07 8.11
C SER D 99 -1.56 -0.41 9.49
N PHE D 100 -0.84 -1.52 9.57
CA PHE D 100 -0.35 -2.06 10.84
C PHE D 100 0.90 -1.38 11.37
N LEU D 101 1.88 -1.16 10.50
CA LEU D 101 3.15 -0.61 10.97
C LEU D 101 2.99 0.78 11.60
N PRO D 102 2.13 1.65 11.02
CA PRO D 102 1.93 2.90 11.72
C PRO D 102 1.49 2.67 13.18
N ILE D 103 0.70 1.63 13.43
CA ILE D 103 0.27 1.28 14.80
C ILE D 103 1.46 0.91 15.67
N CYS D 104 2.36 0.10 15.14
CA CYS D 104 3.62 -0.23 15.81
C CYS D 104 4.62 0.90 15.75
N ARG D 105 4.17 2.11 15.42
CA ARG D 105 5.03 3.32 15.46
C ARG D 105 6.04 3.43 14.33
N VAL D 106 5.78 2.75 13.22
CA VAL D 106 6.64 2.81 12.05
C VAL D 106 5.85 3.46 10.93
N ASN D 107 6.32 4.63 10.49
CA ASN D 107 5.61 5.40 9.46
C ASN D 107 6.25 5.40 8.08
N ASP D 108 7.52 5.02 8.00
CA ASP D 108 8.24 5.10 6.74
C ASP D 108 8.40 3.76 6.03
N PHE D 109 7.40 2.89 6.12
CA PHE D 109 7.49 1.59 5.48
C PHE D 109 7.27 1.69 3.98
N GLU D 110 8.03 0.91 3.22
CA GLU D 110 7.95 0.96 1.76
C GLU D 110 7.98 -0.46 1.15
N THR D 111 7.42 -0.60 -0.04
CA THR D 111 7.37 -1.90 -0.72
C THR D 111 8.71 -2.59 -0.84
N ALA D 112 9.77 -1.80 -1.02
CA ALA D 112 11.14 -2.33 -1.11
C ALA D 112 11.58 -3.02 0.19
N ASP D 113 10.93 -2.68 1.30
CA ASP D 113 11.23 -3.33 2.58
C ASP D 113 10.91 -4.84 2.55
N ILE D 114 9.86 -5.22 1.83
CA ILE D 114 9.55 -6.64 1.61
C ILE D 114 10.41 -7.25 0.52
N LEU D 115 10.55 -6.55 -0.60
CA LEU D 115 11.24 -7.11 -1.79
C LEU D 115 12.74 -7.07 -1.65
N CYS D 116 13.25 -6.14 -0.86
CA CYS D 116 14.67 -5.95 -0.78
C CYS D 116 15.03 -5.36 0.59
N PRO D 117 14.99 -6.20 1.64
CA PRO D 117 15.15 -5.73 3.02
C PRO D 117 16.56 -5.31 3.38
N LYS D 118 16.66 -4.30 4.25
CA LYS D 118 17.90 -3.81 4.83
C LYS D 118 17.94 -4.21 6.29
N ALA D 119 19.12 -4.54 6.80
CA ALA D 119 19.32 -5.03 8.17
C ALA D 119 18.73 -4.13 9.25
N LYS D 120 19.18 -2.89 9.27
CA LYS D 120 18.80 -1.96 10.33
C LYS D 120 17.32 -1.60 10.28
N ARG D 121 16.82 -1.26 9.10
CA ARG D 121 15.42 -0.92 8.94
C ARG D 121 14.56 -2.08 9.38
N THR D 122 14.87 -3.29 8.95
CA THR D 122 13.99 -4.39 9.34
C THR D 122 14.12 -4.76 10.83
N SER D 123 15.28 -4.48 11.43
CA SER D 123 15.36 -4.72 12.87
C SER D 123 14.56 -3.64 13.62
N ARG D 124 14.45 -2.44 13.04
CA ARG D 124 13.61 -1.39 13.64
C ARG D 124 12.12 -1.81 13.59
N PHE D 125 11.71 -2.34 12.45
CA PHE D 125 10.35 -2.78 12.28
C PHE D 125 10.02 -3.92 13.25
N LEU D 126 10.84 -4.97 13.28
CA LEU D 126 10.53 -6.11 14.14
C LEU D 126 10.45 -5.72 15.63
N SER D 127 11.29 -4.76 16.04
CA SER D 127 11.19 -4.24 17.40
C SER D 127 9.83 -3.56 17.65
N GLY D 128 9.40 -2.73 16.69
CA GLY D 128 8.15 -2.01 16.82
C GLY D 128 6.96 -2.95 16.94
N ILE D 129 6.99 -4.01 16.13
CA ILE D 129 5.97 -5.05 16.19
C ILE D 129 6.06 -5.77 17.54
N ILE D 130 7.26 -6.27 17.86
CA ILE D 130 7.43 -6.96 19.13
C ILE D 130 6.97 -6.08 20.31
N ASN D 131 7.24 -4.76 20.24
CA ASN D 131 6.83 -3.88 21.34
C ASN D 131 5.33 -3.86 21.43
N PHE D 132 4.69 -3.54 20.32
CA PHE D 132 3.23 -3.51 20.29
C PHE D 132 2.63 -4.85 20.75
N ILE D 133 3.22 -5.95 20.31
CA ILE D 133 2.71 -7.23 20.73
C ILE D 133 2.77 -7.35 22.25
N HIS D 134 3.81 -6.83 22.89
CA HIS D 134 3.85 -6.95 24.36
C HIS D 134 2.76 -6.13 25.01
N PHE D 135 2.52 -4.95 24.45
CA PHE D 135 1.46 -4.09 24.92
C PHE D 135 0.08 -4.69 24.72
N ARG D 136 -0.23 -5.30 23.57
CA ARG D 136 -1.62 -5.77 23.45
C ARG D 136 -1.85 -6.93 24.41
N GLU D 137 -0.80 -7.66 24.76
CA GLU D 137 -0.94 -8.68 25.77
C GLU D 137 -1.42 -8.10 27.08
N ALA D 138 -0.85 -6.95 27.45
CA ALA D 138 -1.23 -6.28 28.67
C ALA D 138 -2.68 -5.85 28.58
N CYS D 139 -3.06 -5.36 27.40
CA CYS D 139 -4.44 -4.96 27.14
C CYS D 139 -5.39 -6.16 27.10
N ARG D 140 -4.91 -7.30 26.60
CA ARG D 140 -5.74 -8.49 26.54
C ARG D 140 -6.22 -8.85 27.93
N GLU D 141 -5.29 -8.88 28.88
CA GLU D 141 -5.65 -9.19 30.24
C GLU D 141 -6.77 -8.27 30.73
N THR D 142 -6.59 -6.96 30.60
CA THR D 142 -7.63 -6.01 31.01
C THR D 142 -8.94 -6.25 30.28
N TYR D 143 -8.87 -6.44 28.97
CA TYR D 143 -10.05 -6.64 28.15
C TYR D 143 -10.83 -7.89 28.51
N MET D 144 -10.13 -9.03 28.62
CA MET D 144 -10.75 -10.32 28.91
C MET D 144 -11.37 -10.32 30.30
N GLU D 145 -10.81 -9.51 31.19
CA GLU D 145 -11.35 -9.39 32.53
C GLU D 145 -12.69 -8.66 32.48
N PHE D 146 -12.77 -7.61 31.66
CA PHE D 146 -14.03 -6.89 31.46
C PHE D 146 -15.03 -7.77 30.72
N LEU D 147 -14.55 -8.51 29.72
CA LEU D 147 -15.41 -9.37 28.92
C LEU D 147 -16.04 -10.46 29.80
N TRP D 148 -15.24 -11.11 30.65
CA TRP D 148 -15.74 -12.10 31.60
C TRP D 148 -16.74 -11.46 32.55
N GLN D 149 -16.56 -10.19 32.88
CA GLN D 149 -17.48 -9.50 33.77
C GLN D 149 -18.86 -9.24 33.15
N TYR D 150 -18.89 -8.94 31.85
CA TYR D 150 -20.16 -8.62 31.20
C TYR D 150 -20.91 -9.83 30.65
N LYS D 151 -20.18 -10.85 30.19
CA LYS D 151 -20.83 -12.07 29.70
C LYS D 151 -21.25 -12.96 30.88
N SER D 152 -20.73 -12.65 32.07
CA SER D 152 -21.12 -13.34 33.30
C SER D 152 -22.35 -12.65 33.92
N SER D 153 -22.49 -11.36 33.64
CA SER D 153 -23.65 -10.59 34.09
C SER D 153 -24.81 -10.75 33.12
N ALA D 154 -24.51 -11.19 31.90
CA ALA D 154 -25.54 -11.51 30.91
C ALA D 154 -26.07 -12.91 31.17
N ASP D 155 -25.30 -13.69 31.92
CA ASP D 155 -25.70 -15.03 32.34
C ASP D 155 -26.58 -14.95 33.58
N LYS D 156 -26.16 -14.13 34.54
CA LYS D 156 -26.97 -13.88 35.73
C LYS D 156 -28.27 -13.16 35.37
N MET D 157 -28.43 -12.85 34.09
CA MET D 157 -29.68 -12.31 33.57
C MET D 157 -30.64 -13.42 33.16
N GLN D 158 -30.14 -14.33 32.32
CA GLN D 158 -30.95 -15.48 31.89
C GLN D 158 -31.16 -16.48 33.03
N GLN D 159 -30.30 -16.43 34.04
CA GLN D 159 -30.43 -17.27 35.22
C GLN D 159 -31.41 -16.61 36.22
N LEU D 160 -31.86 -15.40 35.89
CA LEU D 160 -32.76 -14.65 36.76
C LEU D 160 -34.12 -14.40 36.10
N ASN D 161 -34.18 -14.49 34.77
CA ASN D 161 -35.45 -14.42 34.04
C ASN D 161 -36.13 -15.78 34.05
N ALA D 162 -35.32 -16.84 33.88
CA ALA D 162 -35.80 -18.21 33.95
C ALA D 162 -36.29 -18.52 35.37
N ALA D 163 -35.59 -17.98 36.36
CA ALA D 163 -35.94 -18.16 37.76
C ALA D 163 -37.19 -17.34 38.10
N HIS D 164 -37.40 -16.24 37.39
CA HIS D 164 -38.58 -15.42 37.59
C HIS D 164 -39.83 -16.10 37.00
N GLN D 165 -39.75 -16.45 35.71
CA GLN D 165 -40.86 -17.08 35.01
C GLN D 165 -41.31 -18.40 35.67
N GLU D 166 -40.34 -19.18 36.14
CA GLU D 166 -40.64 -20.45 36.81
C GLU D 166 -41.24 -20.18 38.20
N ALA D 167 -40.73 -19.16 38.90
CA ALA D 167 -41.28 -18.77 40.18
C ALA D 167 -42.66 -18.17 40.04
N LEU D 168 -42.92 -17.59 38.86
CA LEU D 168 -44.23 -17.04 38.54
C LEU D 168 -45.25 -18.16 38.34
N MET D 169 -44.78 -19.28 37.79
CA MET D 169 -45.66 -20.41 37.46
C MET D 169 -45.89 -21.38 38.62
N LYS D 170 -45.15 -21.19 39.71
CA LYS D 170 -45.40 -21.94 40.93
C LYS D 170 -46.51 -21.25 41.75
N LEU D 171 -46.60 -19.92 41.61
CA LEU D 171 -47.66 -19.16 42.26
C LEU D 171 -48.97 -19.48 41.52
N GLU D 172 -48.85 -19.71 40.22
CA GLU D 172 -49.94 -20.14 39.35
C GLU D 172 -50.40 -21.55 39.75
N ARG D 173 -49.45 -22.33 40.27
CA ARG D 173 -49.68 -23.70 40.72
C ARG D 173 -50.33 -23.72 42.10
N LEU D 174 -49.84 -22.83 42.98
CA LEU D 174 -50.29 -22.76 44.37
C LEU D 174 -51.70 -22.16 44.56
N GLU D 175 -51.93 -20.97 43.98
CA GLU D 175 -53.23 -20.30 44.11
C GLU D 175 -54.41 -21.15 43.63
N LYS D 176 -54.22 -21.78 42.47
CA LYS D 176 -55.29 -22.58 41.84
C LYS D 176 -55.33 -24.04 42.33
N GLU D 177 -54.39 -24.39 43.20
CA GLU D 177 -54.31 -25.75 43.73
C GLU D 177 -55.54 -26.16 44.53
N VAL D 178 -55.95 -27.42 44.34
CA VAL D 178 -57.04 -28.01 45.10
C VAL D 178 -56.50 -28.46 46.48
N ASP D 179 -57.35 -29.13 47.27
CA ASP D 179 -56.97 -29.64 48.60
C ASP D 179 -57.98 -30.72 48.99
N GLU D 180 -57.68 -31.95 48.60
CA GLU D 180 -58.61 -33.07 48.78
C GLU D 180 -58.91 -33.48 50.23
N ASP D 181 -58.61 -32.57 51.18
CA ASP D 181 -59.09 -32.70 52.57
C ASP D 181 -59.39 -31.34 53.23
N THR D 182 -60.46 -30.72 52.70
CA THR D 182 -61.07 -29.50 53.22
C THR D 182 -62.35 -29.41 52.43
N THR D 183 -62.18 -29.60 51.12
CA THR D 183 -63.28 -29.59 50.17
C THR D 183 -63.89 -31.01 50.09
N VAL D 184 -63.10 -32.04 50.41
CA VAL D 184 -63.55 -33.42 50.28
C VAL D 184 -63.58 -34.24 51.60
N THR D 185 -62.42 -34.66 52.10
CA THR D 185 -62.40 -35.64 53.21
C THR D 185 -62.89 -35.13 54.59
N ILE D 186 -62.89 -33.82 54.83
CA ILE D 186 -63.44 -33.31 56.10
C ILE D 186 -64.98 -33.31 56.06
N PRO D 187 -65.59 -32.63 55.06
CA PRO D 187 -67.06 -32.74 54.98
C PRO D 187 -67.50 -34.21 54.89
N SER D 188 -66.64 -35.05 54.33
CA SER D 188 -66.86 -36.49 54.21
C SER D 188 -66.77 -37.20 55.57
N ALA D 189 -65.84 -36.76 56.41
CA ALA D 189 -65.68 -37.32 57.75
C ALA D 189 -66.71 -36.74 58.72
N VAL D 190 -67.18 -35.54 58.43
CA VAL D 190 -68.20 -34.86 59.24
C VAL D 190 -69.56 -35.53 59.02
N TYR D 191 -69.79 -36.00 57.80
CA TYR D 191 -71.01 -36.71 57.43
C TYR D 191 -71.04 -38.13 58.01
N VAL D 192 -69.88 -38.78 58.06
CA VAL D 192 -69.77 -40.11 58.68
C VAL D 192 -69.94 -40.02 60.20
N ALA D 193 -69.45 -38.94 60.80
CA ALA D 193 -69.61 -38.72 62.23
C ALA D 193 -71.05 -38.36 62.55
N GLN D 194 -71.71 -37.72 61.59
CA GLN D 194 -73.10 -37.30 61.69
C GLN D 194 -73.98 -38.54 61.75
N LEU D 195 -73.77 -39.46 60.81
CA LEU D 195 -74.48 -40.74 60.73
C LEU D 195 -74.36 -41.59 62.00
N TYR D 196 -73.16 -41.71 62.56
CA TYR D 196 -73.02 -42.44 63.80
C TYR D 196 -73.97 -41.88 64.86
N HIS D 197 -73.88 -40.57 65.12
CA HIS D 197 -74.75 -39.93 66.10
C HIS D 197 -76.21 -40.10 65.71
N GLN D 198 -76.48 -40.07 64.40
CA GLN D 198 -77.84 -40.23 63.90
C GLN D 198 -78.34 -41.67 64.12
N VAL D 199 -77.63 -42.64 63.54
CA VAL D 199 -78.01 -44.06 63.58
C VAL D 199 -78.05 -44.66 64.99
N SER D 200 -77.15 -44.25 65.86
CA SER D 200 -77.08 -44.82 67.20
C SER D 200 -77.83 -44.00 68.24
N LYS D 201 -78.10 -42.74 67.93
CA LYS D 201 -78.74 -41.81 68.88
C LYS D 201 -77.95 -41.69 70.19
N ILE D 202 -76.68 -42.09 70.18
CA ILE D 202 -75.88 -41.98 71.40
C ILE D 202 -74.69 -41.03 71.24
N GLU D 203 -74.17 -40.57 72.37
CA GLU D 203 -72.98 -39.72 72.39
C GLU D 203 -72.11 -40.07 73.58
N TRP D 204 -70.79 -40.03 73.35
CA TRP D 204 -69.83 -40.57 74.30
C TRP D 204 -69.28 -39.60 75.33
N GLU D 205 -69.57 -39.86 76.61
CA GLU D 205 -68.94 -39.09 77.68
C GLU D 205 -67.53 -39.64 77.92
N TYR D 206 -66.53 -38.77 77.95
CA TYR D 206 -65.13 -39.21 78.08
C TYR D 206 -64.57 -39.12 79.50
N GLU D 207 -65.35 -38.55 80.41
CA GLU D 207 -65.00 -38.50 81.82
C GLU D 207 -65.28 -39.83 82.51
N CYS D 208 -64.34 -40.77 82.39
CA CYS D 208 -64.47 -42.13 82.93
C CYS D 208 -63.13 -42.87 83.05
N GLU D 209 -63.15 -44.01 83.74
CA GLU D 209 -61.96 -44.87 83.89
C GLU D 209 -61.52 -45.45 82.53
N PRO D 210 -60.23 -45.84 82.42
CA PRO D 210 -59.61 -46.21 81.13
C PRO D 210 -60.39 -47.17 80.22
N GLY D 211 -61.00 -48.19 80.79
CA GLY D 211 -61.72 -49.19 80.00
C GLY D 211 -63.24 -49.12 79.99
N MET D 212 -63.81 -48.11 80.63
CA MET D 212 -65.27 -47.94 80.73
C MET D 212 -65.90 -47.35 79.47
N VAL D 213 -67.13 -47.75 79.17
CA VAL D 213 -67.86 -47.10 78.08
C VAL D 213 -69.02 -46.35 78.75
N LYS D 214 -68.94 -45.03 78.68
CA LYS D 214 -69.93 -44.17 79.29
C LYS D 214 -70.42 -43.23 78.23
N GLY D 215 -71.73 -43.01 78.22
CA GLY D 215 -72.33 -42.11 77.26
C GLY D 215 -73.77 -41.84 77.64
N ILE D 216 -74.54 -41.32 76.69
CA ILE D 216 -75.96 -41.11 76.89
C ILE D 216 -76.68 -41.49 75.62
N HIS D 217 -77.74 -42.30 75.77
CA HIS D 217 -78.60 -42.59 74.63
C HIS D 217 -79.75 -41.61 74.62
N HIS D 218 -79.88 -40.85 73.54
CA HIS D 218 -80.94 -39.86 73.40
C HIS D 218 -82.08 -40.31 72.49
N GLY D 219 -83.11 -40.91 73.09
CA GLY D 219 -84.33 -41.32 72.38
C GLY D 219 -85.46 -40.33 72.66
N PRO D 220 -86.71 -40.69 72.27
CA PRO D 220 -87.84 -39.82 72.63
C PRO D 220 -88.20 -39.79 74.14
N SER D 221 -88.52 -38.54 74.62
CA SER D 221 -88.63 -38.31 76.12
C SER D 221 -87.34 -38.65 76.92
N VAL D 222 -87.17 -39.93 77.27
CA VAL D 222 -86.07 -40.34 78.16
C VAL D 222 -84.70 -40.47 77.48
N ALA D 223 -83.70 -39.92 78.16
CA ALA D 223 -82.32 -40.20 77.85
C ALA D 223 -82.01 -41.45 78.69
N GLN D 224 -80.96 -42.20 78.33
CA GLN D 224 -80.51 -43.31 79.18
C GLN D 224 -79.12 -43.00 79.73
N PRO D 225 -78.68 -43.72 80.80
CA PRO D 225 -77.36 -43.36 81.33
C PRO D 225 -76.18 -44.10 80.65
N ILE D 226 -76.31 -45.40 80.42
CA ILE D 226 -75.29 -46.17 79.69
C ILE D 226 -73.84 -46.07 80.23
N HIS D 227 -73.55 -46.92 81.24
CA HIS D 227 -72.23 -46.97 81.88
C HIS D 227 -71.73 -48.41 82.08
N LEU D 228 -71.06 -48.98 81.08
CA LEU D 228 -70.66 -50.39 81.11
C LEU D 228 -69.16 -50.57 81.18
N ASP D 229 -68.70 -51.65 81.83
CA ASP D 229 -67.26 -51.86 82.02
C ASP D 229 -66.47 -52.10 80.72
N SER D 230 -66.34 -53.35 80.28
CA SER D 230 -65.61 -53.69 79.02
C SER D 230 -64.20 -54.24 79.25
N THR D 231 -63.65 -54.05 80.44
CA THR D 231 -62.41 -54.70 80.80
C THR D 231 -62.80 -56.07 81.36
N GLN D 232 -64.09 -56.24 81.59
CA GLN D 232 -64.63 -57.46 82.15
C GLN D 232 -65.81 -58.00 81.34
N LEU D 233 -66.46 -57.12 80.59
CA LEU D 233 -67.64 -57.47 79.82
C LEU D 233 -67.22 -57.67 78.36
N SER D 234 -67.57 -58.82 77.79
CA SER D 234 -67.17 -59.15 76.42
C SER D 234 -67.53 -58.06 75.44
N ARG D 235 -66.81 -58.01 74.32
CA ARG D 235 -67.02 -56.98 73.30
C ARG D 235 -68.41 -57.12 72.65
N LYS D 236 -68.84 -58.36 72.43
CA LYS D 236 -70.14 -58.60 71.80
C LYS D 236 -71.31 -58.13 72.67
N PHE D 237 -71.25 -58.46 73.95
CA PHE D 237 -72.31 -58.04 74.85
C PHE D 237 -72.52 -56.52 74.79
N ILE D 238 -71.41 -55.79 74.79
CA ILE D 238 -71.48 -54.35 74.75
C ILE D 238 -72.24 -53.94 73.48
N SER D 239 -71.87 -54.51 72.35
CA SER D 239 -72.55 -54.20 71.09
C SER D 239 -74.04 -54.49 71.23
N ASP D 240 -74.37 -55.74 71.55
CA ASP D 240 -75.76 -56.16 71.71
C ASP D 240 -76.53 -55.23 72.62
N TYR D 241 -75.93 -54.88 73.75
CA TYR D 241 -76.56 -54.04 74.75
C TYR D 241 -76.89 -52.69 74.18
N LEU D 242 -75.87 -52.04 73.60
CA LEU D 242 -76.03 -50.71 73.00
C LEU D 242 -77.14 -50.73 71.96
N TRP D 243 -77.03 -51.65 71.01
CA TRP D 243 -77.99 -51.72 69.91
C TRP D 243 -79.41 -51.94 70.38
N SER D 244 -79.59 -52.63 71.50
CA SER D 244 -80.93 -52.92 72.02
C SER D 244 -81.60 -51.64 72.50
N LEU D 245 -80.79 -50.62 72.77
CA LEU D 245 -81.33 -49.32 73.16
C LEU D 245 -81.83 -48.50 71.96
N VAL D 246 -81.39 -48.90 70.77
CA VAL D 246 -81.79 -48.29 69.51
C VAL D 246 -83.17 -48.77 69.14
N ASP D 247 -84.14 -47.85 69.13
CA ASP D 247 -85.54 -48.16 68.81
C ASP D 247 -85.66 -48.77 67.41
N THR D 248 -86.47 -49.81 67.30
CA THR D 248 -86.56 -50.61 66.08
C THR D 248 -87.88 -50.34 65.37
N GLU D 249 -88.70 -49.57 66.04
CA GLU D 249 -90.01 -49.18 65.60
C GLU D 249 -89.91 -48.13 64.49
N TRP D 250 -90.94 -48.01 63.67
CA TRP D 250 -91.01 -47.02 62.59
C TRP D 250 -92.22 -46.12 62.78
#